data_9C7W
#
_entry.id   9C7W
#
_cell.length_a   67.245
_cell.length_b   129.805
_cell.length_c   140.074
_cell.angle_alpha   90
_cell.angle_beta   90
_cell.angle_gamma   90
#
_symmetry.space_group_name_H-M   'P 21 21 21'
#
loop_
_entity.id
_entity.type
_entity.pdbx_description
1 polymer 'ORF1ab polyprotein'
2 non-polymer (8S)-3-(4,4-difluorocyclohexyl)-5-(pyrimidin-2-yl)pyrazolo[1,5-a]pyrimidine
3 water water
#
_entity_poly.entity_id   1
_entity_poly.type   'polypeptide(L)'
_entity_poly.pdbx_seq_one_letter_code
;SGIVKMVNPTSKVEPCVVSVTYGNMTLNGLWLDDKVYCPRHVICSASDMTNPDYTNLLCRVTSSDFTVLFDRLSLTVMSY
QMRGCMLVLTVTLQNSRTPKYTFGVVKPGETFTVLAAYNGKPQGAFHVTMRSSYTIKGSFLCGSCGSVGYVIMGDCVKFV
YMHQLELSTGCHTGTDFNGDFYGPYKDAQVVQLLIQDYIQSVNFVAWLYAAILNNCNWFVQSDKCSVEDFNVWALSNGFS
QVKSDLVIDALASMTGVSLETLLAAIKRLKNGFQGRQIMGSCSFEDELTPSDVYQQLA
;
_entity_poly.pdbx_strand_id   A,B,C,D
#
loop_
_chem_comp.id
_chem_comp.type
_chem_comp.name
_chem_comp.formula
A1AUY non-polymer (8S)-3-(4,4-difluorocyclohexyl)-5-(pyrimidin-2-yl)pyrazolo[1,5-a]pyrimidine 'C16 H15 F2 N5'
#
# COMPACT_ATOMS: atom_id res chain seq x y z
N SER A 1 -22.26 10.93 12.12
CA SER A 1 -22.40 10.27 10.84
C SER A 1 -21.53 10.96 9.76
N GLY A 2 -21.56 10.43 8.56
CA GLY A 2 -20.73 10.89 7.47
C GLY A 2 -19.52 9.98 7.35
N ILE A 3 -19.03 9.78 6.16
CA ILE A 3 -17.84 8.96 5.93
C ILE A 3 -16.92 9.75 5.00
N VAL A 4 -15.67 9.96 5.39
CA VAL A 4 -14.69 10.66 4.58
C VAL A 4 -13.36 9.86 4.60
N LYS A 5 -12.45 10.17 3.70
CA LYS A 5 -11.13 9.59 3.68
C LYS A 5 -10.35 10.41 4.70
N MET A 6 -9.96 9.76 5.77
CA MET A 6 -9.25 10.46 6.82
C MET A 6 -7.78 10.17 6.74
N VAL A 7 -6.95 11.19 6.96
CA VAL A 7 -5.51 10.97 7.01
C VAL A 7 -5.09 10.89 8.49
N ASN A 8 -4.01 10.18 8.75
CA ASN A 8 -3.43 10.12 10.09
C ASN A 8 -2.81 11.48 10.36
N PRO A 9 -2.77 11.92 11.63
CA PRO A 9 -2.03 13.15 11.95
C PRO A 9 -0.58 13.07 11.41
N THR A 10 0.02 14.20 11.05
CA THR A 10 1.35 14.22 10.43
C THR A 10 2.50 14.61 11.37
N SER A 11 2.18 15.06 12.60
CA SER A 11 3.24 15.51 13.53
C SER A 11 4.41 14.57 13.72
N LYS A 12 4.19 13.24 13.73
CA LYS A 12 5.29 12.31 13.93
C LYS A 12 6.19 12.18 12.72
N VAL A 13 5.67 12.43 11.52
CA VAL A 13 6.44 12.26 10.29
C VAL A 13 7.07 13.53 9.75
N GLU A 14 6.45 14.68 9.98
CA GLU A 14 7.01 15.96 9.50
C GLU A 14 8.46 16.21 9.90
N PRO A 15 8.91 15.96 11.16
CA PRO A 15 10.32 16.24 11.49
C PRO A 15 11.34 15.24 10.92
N CYS A 16 10.87 14.29 10.11
CA CYS A 16 11.73 13.32 9.45
C CYS A 16 11.92 13.62 7.97
N VAL A 17 11.15 14.58 7.40
CA VAL A 17 11.25 14.86 5.98
C VAL A 17 12.47 15.71 5.71
N VAL A 18 13.34 15.24 4.81
CA VAL A 18 14.54 15.94 4.41
C VAL A 18 14.59 16.02 2.88
N SER A 19 15.49 16.83 2.38
CA SER A 19 15.79 17.03 0.98
C SER A 19 17.10 16.26 0.72
N VAL A 20 17.23 15.57 -0.41
CA VAL A 20 18.47 14.89 -0.77
C VAL A 20 18.89 15.36 -2.15
N THR A 21 20.10 15.90 -2.25
CA THR A 21 20.61 16.40 -3.52
C THR A 21 21.88 15.70 -3.93
N TYR A 22 21.94 15.30 -5.19
CA TYR A 22 23.14 14.75 -5.80
C TYR A 22 23.17 15.37 -7.19
N GLY A 23 24.24 16.07 -7.50
CA GLY A 23 24.38 16.75 -8.78
C GLY A 23 23.32 17.82 -8.94
N ASN A 24 22.57 17.75 -10.04
CA ASN A 24 21.49 18.68 -10.29
C ASN A 24 20.12 18.15 -9.81
N MET A 25 20.06 16.93 -9.24
CA MET A 25 18.81 16.33 -8.82
C MET A 25 18.50 16.50 -7.34
N THR A 26 17.34 17.06 -7.03
CA THR A 26 16.89 17.16 -5.65
C THR A 26 15.57 16.41 -5.48
N LEU A 27 15.51 15.52 -4.51
CA LEU A 27 14.26 14.86 -4.17
C LEU A 27 14.09 14.78 -2.65
N ASN A 28 13.08 14.07 -2.15
CA ASN A 28 12.86 13.98 -0.72
C ASN A 28 13.45 12.70 -0.12
N GLY A 29 13.72 12.78 1.16
CA GLY A 29 14.22 11.67 1.95
C GLY A 29 13.50 11.58 3.28
N LEU A 30 13.77 10.51 4.01
CA LEU A 30 13.19 10.28 5.31
C LEU A 30 14.35 10.04 6.24
N TRP A 31 14.50 10.93 7.23
CA TRP A 31 15.54 10.93 8.24
C TRP A 31 15.04 10.25 9.49
N LEU A 32 15.47 9.02 9.76
CA LEU A 32 15.08 8.26 10.95
C LEU A 32 16.37 7.88 11.63
N ASP A 33 16.51 8.24 12.90
CA ASP A 33 17.74 7.99 13.65
C ASP A 33 18.91 8.69 12.91
N ASP A 34 19.98 7.99 12.53
CA ASP A 34 21.08 8.57 11.76
C ASP A 34 21.05 8.07 10.30
N LYS A 35 19.87 7.65 9.81
CA LYS A 35 19.74 7.14 8.46
C LYS A 35 18.81 8.02 7.64
N VAL A 36 19.15 8.21 6.37
CA VAL A 36 18.35 8.97 5.45
C VAL A 36 17.99 8.05 4.29
N TYR A 37 16.72 7.76 4.13
CA TYR A 37 16.23 6.89 3.08
C TYR A 37 15.74 7.76 1.95
N CYS A 38 16.09 7.44 0.72
CA CYS A 38 15.63 8.19 -0.44
C CYS A 38 15.68 7.33 -1.70
N PRO A 39 14.95 7.67 -2.78
CA PRO A 39 15.03 6.86 -4.01
C PRO A 39 16.43 6.89 -4.58
N ARG A 40 16.89 5.75 -5.13
CA ARG A 40 18.24 5.70 -5.66
C ARG A 40 18.41 6.46 -6.96
N HIS A 41 17.32 6.82 -7.68
CA HIS A 41 17.48 7.56 -8.94
C HIS A 41 17.99 8.99 -8.75
N VAL A 42 18.20 9.45 -7.48
CA VAL A 42 18.80 10.76 -7.20
C VAL A 42 20.23 10.83 -7.81
N ILE A 43 20.92 9.69 -8.00
CA ILE A 43 22.27 9.63 -8.55
C ILE A 43 22.33 9.52 -10.09
N CYS A 44 21.18 9.57 -10.76
N CYS A 44 21.19 9.49 -10.80
CA CYS A 44 21.11 9.52 -12.21
CA CYS A 44 21.24 9.40 -12.27
C CYS A 44 20.99 10.92 -12.78
C CYS A 44 20.78 10.68 -12.96
N SER A 45 21.57 11.12 -13.95
CA SER A 45 21.36 12.35 -14.71
C SER A 45 20.29 12.06 -15.80
N ALA A 46 19.72 13.10 -16.46
CA ALA A 46 18.70 12.88 -17.49
C ALA A 46 19.18 11.96 -18.63
N SER A 47 20.49 11.97 -18.92
CA SER A 47 21.06 11.13 -19.96
C SER A 47 21.10 9.64 -19.56
N ASP A 48 21.16 9.35 -18.25
CA ASP A 48 21.24 7.95 -17.78
C ASP A 48 19.94 7.46 -17.11
N MET A 49 18.78 7.62 -17.76
CA MET A 49 17.50 7.23 -17.13
C MET A 49 16.71 6.09 -17.80
N THR A 50 16.87 5.86 -19.13
CA THR A 50 16.13 4.81 -19.84
C THR A 50 16.44 3.41 -19.28
N ASN A 51 17.72 3.12 -19.04
CA ASN A 51 18.14 1.86 -18.40
C ASN A 51 19.41 2.12 -17.58
N PRO A 52 19.22 2.70 -16.38
CA PRO A 52 20.39 3.04 -15.56
C PRO A 52 21.13 1.85 -14.97
N ASP A 53 22.48 1.87 -15.03
CA ASP A 53 23.27 0.83 -14.40
C ASP A 53 23.63 1.43 -13.04
N TYR A 54 22.78 1.18 -12.03
CA TYR A 54 22.95 1.76 -10.69
C TYR A 54 24.23 1.35 -9.99
N THR A 55 24.67 0.10 -10.13
CA THR A 55 25.91 -0.35 -9.49
C THR A 55 27.11 0.40 -10.07
N ASN A 56 27.11 0.65 -11.39
CA ASN A 56 28.18 1.40 -12.05
C ASN A 56 28.11 2.88 -11.65
N LEU A 57 26.88 3.42 -11.52
CA LEU A 57 26.65 4.80 -11.09
C LEU A 57 27.13 5.01 -9.64
N LEU A 58 27.00 3.99 -8.79
CA LEU A 58 27.43 4.05 -7.39
C LEU A 58 28.96 4.09 -7.22
N CYS A 59 29.72 3.65 -8.24
CA CYS A 59 31.19 3.68 -8.22
C CYS A 59 31.69 5.13 -8.28
N ARG A 60 31.02 5.97 -9.09
CA ARG A 60 31.37 7.37 -9.24
C ARG A 60 30.80 8.28 -8.14
N VAL A 61 30.11 7.71 -7.13
CA VAL A 61 29.50 8.49 -6.05
C VAL A 61 30.32 8.45 -4.78
N THR A 62 30.49 9.62 -4.14
CA THR A 62 31.17 9.79 -2.86
C THR A 62 30.15 10.35 -1.86
N SER A 63 30.32 10.10 -0.55
CA SER A 63 29.41 10.63 0.49
C SER A 63 29.28 12.14 0.43
N SER A 64 30.38 12.84 0.13
CA SER A 64 30.41 14.31 0.01
C SER A 64 29.55 14.84 -1.14
N ASP A 65 29.22 13.99 -2.13
CA ASP A 65 28.37 14.40 -3.25
C ASP A 65 26.90 14.63 -2.82
N PHE A 66 26.49 14.08 -1.66
CA PHE A 66 25.13 14.25 -1.18
C PHE A 66 24.97 15.47 -0.29
N THR A 67 23.93 16.25 -0.54
CA THR A 67 23.59 17.39 0.29
C THR A 67 22.23 17.04 0.88
N VAL A 68 22.15 16.83 2.18
CA VAL A 68 20.91 16.48 2.83
C VAL A 68 20.48 17.63 3.69
N LEU A 69 19.28 18.15 3.47
CA LEU A 69 18.78 19.28 4.25
C LEU A 69 17.54 19.00 5.02
N PHE A 70 17.52 19.38 6.31
CA PHE A 70 16.33 19.35 7.14
C PHE A 70 16.08 20.85 7.24
N ASP A 71 15.25 21.37 6.31
CA ASP A 71 15.01 22.80 6.08
C ASP A 71 16.39 23.41 5.71
N ARG A 72 17.06 24.21 6.57
CA ARG A 72 18.39 24.75 6.24
C ARG A 72 19.52 23.99 6.92
N LEU A 73 19.22 23.03 7.79
CA LEU A 73 20.22 22.25 8.51
C LEU A 73 20.82 21.25 7.56
N SER A 74 22.12 21.34 7.35
CA SER A 74 22.82 20.48 6.43
C SER A 74 23.32 19.28 7.20
N LEU A 75 22.97 18.08 6.75
CA LEU A 75 23.44 16.87 7.38
C LEU A 75 24.68 16.33 6.66
N THR A 76 25.63 15.81 7.42
CA THR A 76 26.87 15.29 6.86
C THR A 76 26.76 13.81 6.62
N VAL A 77 26.84 13.40 5.36
CA VAL A 77 26.79 11.98 5.01
C VAL A 77 28.16 11.33 5.30
N MET A 78 28.18 10.34 6.21
CA MET A 78 29.38 9.58 6.55
C MET A 78 29.59 8.46 5.54
N SER A 79 28.51 7.79 5.14
CA SER A 79 28.55 6.65 4.23
C SER A 79 27.16 6.41 3.60
N TYR A 80 27.08 5.55 2.59
CA TYR A 80 25.82 5.24 1.94
C TYR A 80 25.77 3.77 1.55
N GLN A 81 24.57 3.27 1.38
CA GLN A 81 24.35 1.88 1.01
C GLN A 81 23.13 1.83 0.10
N MET A 82 23.17 1.03 -0.96
CA MET A 82 22.04 0.86 -1.85
C MET A 82 21.29 -0.39 -1.41
N ARG A 83 20.03 -0.22 -1.08
CA ARG A 83 19.16 -1.30 -0.63
C ARG A 83 18.02 -1.29 -1.64
N GLY A 84 18.05 -2.22 -2.59
CA GLY A 84 17.06 -2.28 -3.67
C GLY A 84 17.10 -1.02 -4.50
N CYS A 85 15.95 -0.35 -4.64
CA CYS A 85 15.85 0.90 -5.37
C CYS A 85 15.90 2.12 -4.46
N MET A 86 16.51 1.97 -3.32
CA MET A 86 16.60 3.01 -2.32
C MET A 86 18.05 3.19 -1.90
N LEU A 87 18.39 4.39 -1.53
CA LEU A 87 19.67 4.71 -0.95
C LEU A 87 19.41 4.93 0.54
N VAL A 88 20.32 4.39 1.36
CA VAL A 88 20.29 4.56 2.79
C VAL A 88 21.57 5.28 3.15
N LEU A 89 21.48 6.58 3.42
CA LEU A 89 22.64 7.39 3.76
C LEU A 89 22.78 7.40 5.27
N THR A 90 24.01 7.25 5.76
CA THR A 90 24.27 7.35 7.19
C THR A 90 24.80 8.74 7.43
N VAL A 91 24.18 9.48 8.34
CA VAL A 91 24.58 10.84 8.66
C VAL A 91 25.17 10.93 10.08
N THR A 92 25.98 11.96 10.31
CA THR A 92 26.59 12.15 11.62
C THR A 92 25.56 12.51 12.72
N LEU A 93 24.40 13.09 12.32
CA LEU A 93 23.41 13.53 13.29
C LEU A 93 22.19 12.65 13.40
N GLN A 94 21.91 12.23 14.61
CA GLN A 94 20.73 11.44 14.91
CA GLN A 94 20.73 11.45 14.95
C GLN A 94 19.55 12.43 14.94
N ASN A 95 18.42 12.04 14.35
CA ASN A 95 17.23 12.87 14.34
C ASN A 95 16.65 12.73 15.73
N SER A 96 16.79 13.77 16.55
CA SER A 96 16.25 13.75 17.92
C SER A 96 14.71 13.68 17.93
N ARG A 97 14.04 13.97 16.79
CA ARG A 97 12.59 13.87 16.71
C ARG A 97 12.12 12.61 15.99
N THR A 98 12.96 11.56 15.91
CA THR A 98 12.56 10.31 15.29
C THR A 98 11.46 9.68 16.14
N PRO A 99 10.31 9.39 15.53
CA PRO A 99 9.23 8.76 16.28
C PRO A 99 9.51 7.28 16.51
N LYS A 100 8.64 6.62 17.28
CA LYS A 100 8.65 5.17 17.42
C LYS A 100 8.18 4.67 16.03
N TYR A 101 9.00 3.88 15.34
CA TYR A 101 8.67 3.51 13.97
C TYR A 101 8.97 2.08 13.64
N THR A 102 8.33 1.60 12.60
CA THR A 102 8.57 0.30 12.03
C THR A 102 8.36 0.43 10.50
N PHE A 103 8.76 -0.60 9.77
CA PHE A 103 8.56 -0.62 8.34
C PHE A 103 7.55 -1.70 8.04
N GLY A 104 6.68 -1.44 7.10
CA GLY A 104 5.68 -2.42 6.70
C GLY A 104 5.47 -2.43 5.20
N VAL A 105 4.76 -3.42 4.73
CA VAL A 105 4.48 -3.55 3.31
C VAL A 105 2.95 -3.66 3.20
N VAL A 106 2.29 -2.69 2.56
CA VAL A 106 0.84 -2.74 2.41
C VAL A 106 0.43 -3.72 1.30
N LYS A 107 -0.79 -4.23 1.40
CA LYS A 107 -1.38 -5.14 0.43
C LYS A 107 -2.46 -4.39 -0.34
N PRO A 108 -2.88 -4.86 -1.53
CA PRO A 108 -3.97 -4.19 -2.25
C PRO A 108 -5.24 -4.06 -1.38
N GLY A 109 -5.85 -2.90 -1.45
CA GLY A 109 -7.03 -2.60 -0.66
C GLY A 109 -6.69 -1.83 0.59
N GLU A 110 -5.45 -2.00 1.15
CA GLU A 110 -5.01 -1.28 2.34
C GLU A 110 -4.74 0.18 2.06
N THR A 111 -5.04 1.02 3.05
CA THR A 111 -4.91 2.44 2.95
C THR A 111 -3.78 2.97 3.81
N PHE A 112 -3.30 4.14 3.46
CA PHE A 112 -2.25 4.81 4.20
C PHE A 112 -2.25 6.30 3.88
N THR A 113 -1.48 7.07 4.63
CA THR A 113 -1.39 8.49 4.46
C THR A 113 -0.10 8.81 3.76
N VAL A 114 -0.16 9.65 2.74
CA VAL A 114 1.05 10.12 2.08
C VAL A 114 1.29 11.53 2.57
N LEU A 115 2.51 11.82 3.01
CA LEU A 115 2.88 13.15 3.38
C LEU A 115 3.65 13.66 2.17
N ALA A 116 2.95 14.44 1.32
CA ALA A 116 3.56 14.98 0.12
C ALA A 116 4.60 16.02 0.51
N ALA A 117 5.77 15.92 -0.07
CA ALA A 117 6.84 16.85 0.19
C ALA A 117 7.50 17.32 -1.10
N TYR A 118 8.03 18.55 -1.09
CA TYR A 118 8.77 19.13 -2.22
CA TYR A 118 8.76 19.09 -2.23
C TYR A 118 9.96 19.85 -1.66
N ASN A 119 11.16 19.55 -2.18
CA ASN A 119 12.42 20.15 -1.72
C ASN A 119 12.61 19.95 -0.21
N GLY A 120 12.21 18.78 0.29
CA GLY A 120 12.30 18.44 1.70
C GLY A 120 11.30 19.12 2.60
N LYS A 121 10.29 19.77 2.03
CA LYS A 121 9.30 20.47 2.83
C LYS A 121 7.94 19.83 2.67
N PRO A 122 7.33 19.38 3.78
CA PRO A 122 5.97 18.80 3.69
C PRO A 122 5.00 19.85 3.20
N GLN A 123 4.15 19.48 2.25
CA GLN A 123 3.16 20.38 1.69
C GLN A 123 1.75 20.10 2.22
N GLY A 124 1.49 18.85 2.52
CA GLY A 124 0.19 18.39 3.01
C GLY A 124 0.14 16.88 2.96
N ALA A 125 -1.02 16.33 3.29
CA ALA A 125 -1.18 14.90 3.35
C ALA A 125 -2.42 14.47 2.61
N PHE A 126 -2.45 13.24 2.12
CA PHE A 126 -3.65 12.71 1.49
C PHE A 126 -3.77 11.22 1.71
N HIS A 127 -5.00 10.73 1.67
CA HIS A 127 -5.34 9.34 1.87
C HIS A 127 -5.19 8.61 0.55
N VAL A 128 -4.53 7.46 0.56
CA VAL A 128 -4.40 6.63 -0.65
C VAL A 128 -4.81 5.21 -0.32
N THR A 129 -5.18 4.45 -1.36
CA THR A 129 -5.52 3.04 -1.26
C THR A 129 -4.61 2.33 -2.23
N MET A 130 -3.92 1.28 -1.77
CA MET A 130 -3.06 0.53 -2.63
C MET A 130 -3.96 -0.27 -3.58
N ARG A 131 -3.84 -0.06 -4.87
CA ARG A 131 -4.65 -0.80 -5.84
C ARG A 131 -4.16 -2.19 -6.03
N SER A 132 -5.02 -3.08 -6.60
CA SER A 132 -4.59 -4.44 -6.98
C SER A 132 -3.45 -4.39 -8.02
N SER A 133 -3.33 -3.31 -8.76
CA SER A 133 -2.27 -3.07 -9.73
C SER A 133 -0.96 -2.64 -9.05
N TYR A 134 -0.91 -2.54 -7.71
CA TYR A 134 0.25 -2.11 -6.95
C TYR A 134 0.68 -0.69 -7.27
N THR A 135 -0.34 0.15 -7.50
CA THR A 135 -0.20 1.56 -7.74
C THR A 135 -1.18 2.27 -6.79
N ILE A 136 -1.03 3.57 -6.64
CA ILE A 136 -1.94 4.40 -5.87
C ILE A 136 -2.35 5.55 -6.81
N LYS A 137 -3.49 6.16 -6.52
CA LYS A 137 -3.94 7.30 -7.28
C LYS A 137 -3.62 8.50 -6.39
N GLY A 138 -2.43 9.03 -6.54
CA GLY A 138 -2.00 10.16 -5.72
C GLY A 138 -1.93 11.45 -6.49
N SER A 139 -1.20 12.42 -5.93
CA SER A 139 -0.98 13.69 -6.57
C SER A 139 0.48 13.97 -6.33
N PHE A 140 1.28 13.83 -7.39
CA PHE A 140 2.71 13.96 -7.25
C PHE A 140 3.25 14.63 -8.47
N LEU A 141 4.08 15.64 -8.28
CA LEU A 141 4.77 16.29 -9.39
C LEU A 141 6.23 15.82 -9.34
N CYS A 142 7.05 16.25 -10.32
CA CYS A 142 8.47 15.94 -10.29
C CYS A 142 9.08 16.69 -9.10
N GLY A 143 9.81 15.99 -8.26
CA GLY A 143 10.32 16.60 -7.04
C GLY A 143 9.59 16.10 -5.80
N SER A 144 8.43 15.44 -5.98
CA SER A 144 7.71 14.80 -4.89
C SER A 144 8.27 13.38 -4.63
N CYS A 145 9.20 12.85 -5.50
CA CYS A 145 9.87 11.55 -5.27
C CYS A 145 10.50 11.55 -3.89
N GLY A 146 10.34 10.47 -3.15
CA GLY A 146 10.84 10.41 -1.79
C GLY A 146 9.79 10.77 -0.76
N SER A 147 8.59 11.27 -1.18
CA SER A 147 7.47 11.51 -0.25
C SER A 147 7.07 10.13 0.32
N VAL A 148 6.73 10.08 1.60
CA VAL A 148 6.46 8.81 2.24
C VAL A 148 5.02 8.59 2.58
N GLY A 149 4.65 7.31 2.56
CA GLY A 149 3.37 6.82 2.94
C GLY A 149 3.55 6.09 4.25
N TYR A 150 2.60 6.28 5.16
CA TYR A 150 2.69 5.68 6.47
C TYR A 150 1.31 5.45 7.06
N VAL A 151 1.27 4.61 8.06
CA VAL A 151 0.05 4.35 8.80
C VAL A 151 0.46 4.33 10.25
N ILE A 152 -0.36 4.88 11.12
CA ILE A 152 -0.08 4.83 12.54
C ILE A 152 -0.75 3.60 13.11
N MET A 153 0.06 2.74 13.75
CA MET A 153 -0.37 1.49 14.38
C MET A 153 -0.03 1.67 15.85
N GLY A 154 -1.02 1.87 16.70
CA GLY A 154 -0.78 2.15 18.12
C GLY A 154 -0.09 3.49 18.27
N ASP A 155 1.05 3.53 18.95
CA ASP A 155 1.86 4.78 19.04
C ASP A 155 3.07 4.72 18.08
N CYS A 156 3.03 3.80 17.11
CA CYS A 156 4.11 3.55 16.21
C CYS A 156 3.77 4.05 14.81
N VAL A 157 4.75 4.66 14.13
CA VAL A 157 4.57 5.04 12.75
C VAL A 157 5.04 3.84 11.92
N LYS A 158 4.17 3.27 11.08
CA LYS A 158 4.60 2.19 10.21
C LYS A 158 4.80 2.82 8.86
N PHE A 159 6.05 2.97 8.41
CA PHE A 159 6.36 3.52 7.08
C PHE A 159 6.20 2.43 6.08
N VAL A 160 5.41 2.67 5.01
CA VAL A 160 5.11 1.62 4.04
C VAL A 160 5.43 1.95 2.62
N TYR A 161 5.69 3.23 2.30
CA TYR A 161 5.81 3.63 0.92
C TYR A 161 6.77 4.78 0.74
N MET A 162 7.53 4.75 -0.35
CA MET A 162 8.37 5.86 -0.71
C MET A 162 8.09 6.09 -2.17
N HIS A 163 7.59 7.29 -2.51
CA HIS A 163 7.22 7.60 -3.87
C HIS A 163 8.37 7.62 -4.83
N GLN A 164 8.20 6.97 -5.98
CA GLN A 164 9.25 6.86 -6.99
C GLN A 164 8.83 7.20 -8.41
N LEU A 165 7.71 6.61 -8.91
CA LEU A 165 7.34 6.77 -10.32
C LEU A 165 5.92 7.17 -10.53
N GLU A 166 5.68 7.70 -11.71
CA GLU A 166 4.37 7.97 -12.24
C GLU A 166 4.31 7.08 -13.47
N LEU A 167 3.47 6.04 -13.45
CA LEU A 167 3.34 5.06 -14.54
C LEU A 167 2.47 5.55 -15.73
N SER A 168 1.60 6.51 -15.46
CA SER A 168 0.72 7.19 -16.39
C SER A 168 -0.03 8.29 -15.60
N THR A 169 -0.85 9.10 -16.27
CA THR A 169 -1.59 10.19 -15.63
C THR A 169 -2.33 9.77 -14.36
N GLY A 170 -1.97 10.37 -13.23
CA GLY A 170 -2.59 10.09 -11.95
C GLY A 170 -2.36 8.71 -11.39
N CYS A 171 -1.38 8.00 -11.94
CA CYS A 171 -1.09 6.63 -11.56
C CYS A 171 0.34 6.52 -11.06
N HIS A 172 0.48 6.24 -9.75
CA HIS A 172 1.79 6.30 -9.12
C HIS A 172 2.19 5.04 -8.41
N THR A 173 3.50 4.82 -8.29
CA THR A 173 4.00 3.70 -7.52
C THR A 173 5.34 4.07 -6.86
N GLY A 174 5.72 3.27 -5.88
CA GLY A 174 6.97 3.46 -5.17
C GLY A 174 7.42 2.16 -4.54
N THR A 175 8.38 2.25 -3.64
CA THR A 175 8.95 1.09 -2.98
C THR A 175 8.52 1.03 -1.50
N ASP A 176 8.71 -0.14 -0.89
CA ASP A 176 8.56 -0.28 0.53
C ASP A 176 9.97 0.13 1.12
N PHE A 177 10.13 0.03 2.44
CA PHE A 177 11.39 0.44 3.06
C PHE A 177 12.45 -0.68 3.11
N ASN A 178 12.22 -1.75 2.37
CA ASN A 178 13.25 -2.73 2.08
C ASN A 178 13.90 -2.34 0.69
N GLY A 179 13.38 -1.31 0.00
CA GLY A 179 13.86 -0.89 -1.31
C GLY A 179 13.21 -1.64 -2.44
N ASP A 180 12.21 -2.49 -2.15
CA ASP A 180 11.53 -3.25 -3.19
C ASP A 180 10.32 -2.49 -3.68
N PHE A 181 10.15 -2.43 -4.98
CA PHE A 181 8.99 -1.79 -5.56
C PHE A 181 7.74 -2.59 -5.24
N TYR A 182 6.61 -1.91 -5.13
CA TYR A 182 5.32 -2.58 -5.08
C TYR A 182 5.06 -3.00 -6.54
N GLY A 183 4.67 -4.25 -6.74
CA GLY A 183 4.46 -4.77 -8.07
C GLY A 183 5.75 -5.07 -8.80
N PRO A 184 5.66 -5.30 -10.11
CA PRO A 184 6.86 -5.62 -10.90
C PRO A 184 7.52 -4.38 -11.49
N TYR A 185 7.24 -3.21 -10.93
CA TYR A 185 7.72 -1.95 -11.50
C TYR A 185 9.20 -1.72 -11.20
N LYS A 186 9.83 -0.91 -12.05
CA LYS A 186 11.24 -0.62 -11.90
C LYS A 186 11.53 0.86 -12.03
N ASP A 187 12.63 1.30 -11.44
CA ASP A 187 13.06 2.69 -11.57
C ASP A 187 13.84 2.85 -12.88
N ALA A 188 13.10 2.84 -13.99
CA ALA A 188 13.62 3.01 -15.33
C ALA A 188 12.61 3.87 -16.11
N GLN A 189 13.10 4.87 -16.86
CA GLN A 189 12.25 5.75 -17.66
C GLN A 189 11.86 5.05 -18.96
N VAL A 190 10.95 4.08 -18.84
CA VAL A 190 10.42 3.27 -19.92
C VAL A 190 8.91 3.08 -19.64
N VAL A 191 8.11 2.82 -20.68
CA VAL A 191 6.68 2.58 -20.47
C VAL A 191 6.50 1.24 -19.74
N GLN A 192 5.77 1.27 -18.62
CA GLN A 192 5.54 0.08 -17.84
C GLN A 192 4.06 -0.19 -17.75
N LEU A 193 3.70 -1.41 -18.15
CA LEU A 193 2.33 -1.85 -18.14
C LEU A 193 1.90 -2.18 -16.74
N LEU A 194 0.65 -1.92 -16.45
CA LEU A 194 0.10 -2.09 -15.13
C LEU A 194 -0.38 -3.49 -14.87
N ILE A 195 -0.24 -3.93 -13.62
CA ILE A 195 -0.81 -5.17 -13.16
C ILE A 195 -2.34 -5.01 -13.16
N GLN A 196 -3.06 -6.09 -13.32
CA GLN A 196 -4.52 -6.08 -13.36
C GLN A 196 -5.10 -5.45 -12.10
N ASP A 197 -5.99 -4.46 -12.26
CA ASP A 197 -6.66 -3.84 -11.11
C ASP A 197 -8.09 -4.39 -11.01
N TYR A 198 -8.62 -4.38 -9.81
CA TYR A 198 -9.92 -4.88 -9.50
C TYR A 198 -10.61 -3.91 -8.54
N ILE A 199 -11.94 -4.00 -8.46
CA ILE A 199 -12.67 -3.28 -7.44
C ILE A 199 -12.39 -4.05 -6.12
N GLN A 200 -11.88 -3.35 -5.12
CA GLN A 200 -11.55 -3.94 -3.82
C GLN A 200 -12.87 -4.29 -3.14
N SER A 201 -13.31 -5.55 -3.31
CA SER A 201 -14.62 -5.99 -2.85
C SER A 201 -14.87 -5.80 -1.38
N VAL A 202 -13.89 -6.11 -0.54
CA VAL A 202 -14.08 -5.95 0.90
C VAL A 202 -14.19 -4.46 1.29
N ASN A 203 -13.54 -3.56 0.53
CA ASN A 203 -13.64 -2.12 0.75
C ASN A 203 -15.00 -1.59 0.33
N PHE A 204 -15.57 -2.14 -0.77
CA PHE A 204 -16.92 -1.78 -1.19
C PHE A 204 -17.95 -2.35 -0.20
N VAL A 205 -17.69 -3.52 0.39
CA VAL A 205 -18.53 -4.10 1.42
C VAL A 205 -18.51 -3.17 2.64
N ALA A 206 -17.32 -2.63 3.00
CA ALA A 206 -17.19 -1.67 4.10
C ALA A 206 -18.03 -0.43 3.80
N TRP A 207 -18.02 0.05 2.55
CA TRP A 207 -18.81 1.19 2.11
C TRP A 207 -20.30 0.90 2.27
N LEU A 208 -20.74 -0.32 1.92
CA LEU A 208 -22.12 -0.71 2.09
C LEU A 208 -22.54 -0.79 3.56
N TYR A 209 -21.65 -1.32 4.45
CA TYR A 209 -21.93 -1.37 5.87
C TYR A 209 -22.04 0.04 6.44
N ALA A 210 -21.12 0.93 6.04
CA ALA A 210 -21.13 2.33 6.44
C ALA A 210 -22.41 2.99 5.97
N ALA A 211 -22.86 2.69 4.75
CA ALA A 211 -24.10 3.23 4.21
C ALA A 211 -25.29 2.79 5.06
N ILE A 212 -25.38 1.51 5.48
CA ILE A 212 -26.47 1.04 6.33
C ILE A 212 -26.54 1.86 7.63
N LEU A 213 -25.38 2.19 8.20
CA LEU A 213 -25.32 3.03 9.40
C LEU A 213 -25.41 4.54 9.12
N ASN A 214 -25.54 4.93 7.85
CA ASN A 214 -25.73 6.31 7.42
C ASN A 214 -27.07 6.43 6.70
N ASN A 215 -28.09 5.74 7.21
CA ASN A 215 -29.47 5.77 6.74
C ASN A 215 -29.64 5.41 5.26
N CYS A 216 -28.93 4.39 4.78
CA CYS A 216 -28.98 4.00 3.37
C CYS A 216 -28.89 2.48 3.25
N ASN A 217 -30.00 1.81 2.98
CA ASN A 217 -30.00 0.36 2.90
C ASN A 217 -30.84 -0.21 1.76
N TRP A 218 -31.21 0.62 0.78
CA TRP A 218 -32.06 0.18 -0.32
C TRP A 218 -31.53 -1.03 -1.07
N PHE A 219 -30.21 -1.22 -1.08
CA PHE A 219 -29.54 -2.31 -1.76
C PHE A 219 -29.66 -3.64 -0.98
N VAL A 220 -30.11 -3.62 0.28
CA VAL A 220 -30.24 -4.82 1.09
C VAL A 220 -31.52 -5.56 0.68
N GLN A 221 -31.37 -6.82 0.29
CA GLN A 221 -32.50 -7.67 -0.10
C GLN A 221 -32.38 -9.05 0.60
N SER A 222 -33.36 -9.95 0.37
CA SER A 222 -33.39 -11.27 0.96
C SER A 222 -32.36 -12.24 0.36
N ASP A 223 -31.85 -11.95 -0.86
CA ASP A 223 -30.87 -12.84 -1.48
C ASP A 223 -29.51 -12.78 -0.79
N LYS A 224 -28.85 -13.93 -0.78
CA LYS A 224 -27.55 -14.11 -0.16
C LYS A 224 -26.63 -14.83 -1.12
N CYS A 225 -25.37 -14.46 -1.10
CA CYS A 225 -24.37 -15.10 -1.92
C CYS A 225 -23.20 -15.44 -1.04
N SER A 226 -22.79 -16.70 -1.00
CA SER A 226 -21.68 -17.13 -0.15
C SER A 226 -20.36 -16.49 -0.64
N VAL A 227 -19.34 -16.47 0.24
CA VAL A 227 -18.01 -15.95 -0.11
C VAL A 227 -17.45 -16.73 -1.30
N GLU A 228 -17.59 -18.06 -1.25
CA GLU A 228 -17.12 -18.98 -2.28
C GLU A 228 -17.77 -18.66 -3.63
N ASP A 229 -19.10 -18.51 -3.66
CA ASP A 229 -19.82 -18.20 -4.90
C ASP A 229 -19.50 -16.81 -5.40
N PHE A 230 -19.31 -15.83 -4.48
CA PHE A 230 -18.97 -14.48 -4.91
C PHE A 230 -17.60 -14.47 -5.56
N ASN A 231 -16.65 -15.18 -4.98
CA ASN A 231 -15.28 -15.23 -5.46
C ASN A 231 -15.15 -15.82 -6.85
N VAL A 232 -16.04 -16.74 -7.23
CA VAL A 232 -16.04 -17.30 -8.57
C VAL A 232 -16.60 -16.23 -9.54
N TRP A 233 -17.72 -15.61 -9.16
CA TRP A 233 -18.34 -14.54 -9.94
C TRP A 233 -17.37 -13.36 -10.15
N ALA A 234 -16.64 -12.97 -9.08
CA ALA A 234 -15.70 -11.86 -9.05
C ALA A 234 -14.66 -11.94 -10.13
N LEU A 235 -14.18 -13.17 -10.44
CA LEU A 235 -13.15 -13.43 -11.45
C LEU A 235 -13.50 -12.84 -12.80
N SER A 236 -14.76 -12.91 -13.20
CA SER A 236 -15.19 -12.42 -14.51
C SER A 236 -15.94 -11.10 -14.48
N ASN A 237 -16.05 -10.45 -13.31
CA ASN A 237 -16.78 -9.21 -13.18
C ASN A 237 -15.95 -8.03 -12.62
N GLY A 238 -14.62 -8.15 -12.63
CA GLY A 238 -13.71 -7.10 -12.19
C GLY A 238 -13.69 -6.82 -10.70
N PHE A 239 -14.06 -7.81 -9.88
CA PHE A 239 -14.06 -7.64 -8.44
C PHE A 239 -12.99 -8.50 -7.81
N SER A 240 -12.34 -8.01 -6.76
CA SER A 240 -11.29 -8.78 -6.11
C SER A 240 -11.88 -9.91 -5.25
N GLN A 241 -11.05 -10.85 -4.85
CA GLN A 241 -11.48 -11.95 -3.99
C GLN A 241 -11.82 -11.39 -2.61
N VAL A 242 -12.89 -11.88 -2.02
CA VAL A 242 -13.38 -11.52 -0.71
C VAL A 242 -12.93 -12.52 0.32
N LYS A 243 -12.58 -12.03 1.48
CA LYS A 243 -12.20 -12.80 2.65
C LYS A 243 -12.92 -12.15 3.84
N SER A 244 -13.55 -12.94 4.75
CA SER A 244 -14.16 -12.30 5.93
C SER A 244 -13.05 -11.90 6.93
N ASP A 245 -13.37 -10.96 7.81
CA ASP A 245 -12.43 -10.41 8.78
C ASP A 245 -13.20 -10.12 10.08
N LEU A 246 -12.47 -9.96 11.19
CA LEU A 246 -13.09 -9.63 12.47
C LEU A 246 -13.81 -8.28 12.39
N VAL A 247 -13.31 -7.34 11.56
CA VAL A 247 -13.94 -6.03 11.40
C VAL A 247 -15.23 -6.16 10.61
N ILE A 248 -15.24 -7.01 9.57
CA ILE A 248 -16.48 -7.29 8.85
C ILE A 248 -17.49 -7.95 9.78
N ASP A 249 -17.05 -8.87 10.65
CA ASP A 249 -17.94 -9.49 11.61
C ASP A 249 -18.51 -8.45 12.58
N ALA A 250 -17.70 -7.48 12.99
CA ALA A 250 -18.17 -6.42 13.87
C ALA A 250 -19.20 -5.56 13.14
N LEU A 251 -18.95 -5.23 11.88
CA LEU A 251 -19.86 -4.44 11.06
C LEU A 251 -21.18 -5.20 10.84
N ALA A 252 -21.11 -6.53 10.66
CA ALA A 252 -22.29 -7.38 10.51
C ALA A 252 -23.10 -7.39 11.80
N SER A 253 -22.43 -7.39 12.96
CA SER A 253 -23.11 -7.38 14.25
C SER A 253 -23.73 -6.01 14.53
N MET A 254 -23.07 -4.91 14.12
CA MET A 254 -23.60 -3.55 14.34
C MET A 254 -24.83 -3.29 13.50
N THR A 255 -24.88 -3.84 12.28
CA THR A 255 -26.00 -3.59 11.37
C THR A 255 -27.05 -4.70 11.36
N GLY A 256 -26.67 -5.88 11.82
CA GLY A 256 -27.52 -7.05 11.73
C GLY A 256 -27.61 -7.56 10.30
N VAL A 257 -26.68 -7.14 9.41
CA VAL A 257 -26.68 -7.56 8.00
C VAL A 257 -25.46 -8.42 7.73
N SER A 258 -25.67 -9.63 7.21
CA SER A 258 -24.57 -10.56 6.96
C SER A 258 -23.76 -10.15 5.73
N LEU A 259 -22.51 -10.63 5.66
CA LEU A 259 -21.63 -10.38 4.53
C LEU A 259 -22.26 -10.95 3.25
N GLU A 260 -22.87 -12.13 3.34
CA GLU A 260 -23.52 -12.80 2.21
C GLU A 260 -24.65 -11.96 1.61
N THR A 261 -25.36 -11.19 2.45
CA THR A 261 -26.42 -10.30 1.98
C THR A 261 -25.80 -9.20 1.12
N LEU A 262 -24.65 -8.65 1.55
CA LEU A 262 -23.98 -7.60 0.81
C LEU A 262 -23.25 -8.12 -0.43
N LEU A 263 -22.80 -9.36 -0.41
CA LEU A 263 -22.16 -9.96 -1.59
C LEU A 263 -23.21 -10.14 -2.70
N ALA A 264 -24.44 -10.52 -2.33
CA ALA A 264 -25.53 -10.63 -3.28
C ALA A 264 -25.89 -9.23 -3.80
N ALA A 265 -25.87 -8.21 -2.92
CA ALA A 265 -26.14 -6.83 -3.31
C ALA A 265 -25.11 -6.30 -4.32
N ILE A 266 -23.83 -6.66 -4.16
CA ILE A 266 -22.79 -6.22 -5.10
C ILE A 266 -23.09 -6.74 -6.51
N LYS A 267 -23.48 -8.00 -6.63
CA LYS A 267 -23.80 -8.59 -7.92
C LYS A 267 -24.95 -7.86 -8.63
N ARG A 268 -25.96 -7.42 -7.86
CA ARG A 268 -27.06 -6.65 -8.44
C ARG A 268 -26.61 -5.26 -8.83
N LEU A 269 -25.78 -4.63 -7.98
CA LEU A 269 -25.25 -3.28 -8.23
C LEU A 269 -24.35 -3.25 -9.45
N LYS A 270 -23.69 -4.37 -9.78
CA LYS A 270 -22.82 -4.47 -10.96
C LYS A 270 -23.61 -4.15 -12.23
N ASN A 271 -24.90 -4.55 -12.33
CA ASN A 271 -25.67 -4.21 -13.53
C ASN A 271 -26.46 -2.89 -13.40
N GLY A 272 -26.03 -2.01 -12.51
CA GLY A 272 -26.64 -0.70 -12.35
C GLY A 272 -27.26 -0.39 -11.00
N PHE A 273 -27.07 0.85 -10.57
CA PHE A 273 -27.65 1.38 -9.33
C PHE A 273 -29.07 1.98 -9.58
N GLN A 274 -29.47 2.15 -10.87
CA GLN A 274 -30.76 2.70 -11.29
C GLN A 274 -30.93 4.14 -10.81
N GLY A 275 -29.87 4.93 -10.90
CA GLY A 275 -29.92 6.33 -10.49
C GLY A 275 -29.92 6.59 -8.99
N ARG A 276 -29.85 5.53 -8.18
CA ARG A 276 -29.86 5.68 -6.73
C ARG A 276 -28.44 5.75 -6.20
N GLN A 277 -28.20 6.63 -5.26
CA GLN A 277 -26.89 6.80 -4.67
C GLN A 277 -26.75 6.07 -3.35
N ILE A 278 -25.51 5.73 -3.02
CA ILE A 278 -25.15 5.14 -1.76
C ILE A 278 -24.19 6.16 -1.22
N MET A 279 -24.61 6.95 -0.22
CA MET A 279 -23.82 8.02 0.38
C MET A 279 -23.22 8.98 -0.65
N GLY A 280 -24.07 9.46 -1.56
CA GLY A 280 -23.64 10.41 -2.59
C GLY A 280 -22.87 9.84 -3.75
N SER A 281 -22.89 8.53 -3.91
CA SER A 281 -22.18 7.91 -5.02
C SER A 281 -22.91 6.80 -5.69
N CYS A 282 -22.78 6.74 -7.03
CA CYS A 282 -23.29 5.63 -7.82
C CYS A 282 -22.14 4.72 -8.31
N SER A 283 -20.96 4.85 -7.70
CA SER A 283 -19.76 4.10 -8.07
C SER A 283 -19.43 3.05 -7.02
N PHE A 284 -18.52 2.14 -7.37
CA PHE A 284 -18.05 1.14 -6.45
C PHE A 284 -16.94 1.79 -5.63
N GLU A 285 -17.34 2.52 -4.60
CA GLU A 285 -16.41 3.19 -3.70
C GLU A 285 -15.66 2.16 -2.93
N ASP A 286 -14.44 1.88 -3.36
CA ASP A 286 -13.63 0.84 -2.75
C ASP A 286 -12.33 1.38 -2.15
N GLU A 287 -12.32 2.64 -1.74
CA GLU A 287 -11.11 3.24 -1.23
C GLU A 287 -10.95 3.18 0.27
N LEU A 288 -11.99 2.76 1.02
CA LEU A 288 -11.91 2.68 2.48
C LEU A 288 -12.04 1.25 2.92
N THR A 289 -11.18 0.82 3.82
CA THR A 289 -11.20 -0.54 4.31
C THR A 289 -12.30 -0.72 5.35
N PRO A 290 -12.62 -1.99 5.73
CA PRO A 290 -13.56 -2.19 6.83
C PRO A 290 -13.12 -1.43 8.11
N SER A 291 -11.81 -1.44 8.42
CA SER A 291 -11.28 -0.72 9.58
C SER A 291 -11.44 0.77 9.49
N ASP A 292 -11.27 1.33 8.29
CA ASP A 292 -11.43 2.77 8.06
C ASP A 292 -12.86 3.19 8.37
N VAL A 293 -13.85 2.49 7.83
CA VAL A 293 -15.23 2.86 8.06
C VAL A 293 -15.63 2.57 9.51
N TYR A 294 -15.12 1.47 10.09
CA TYR A 294 -15.42 1.09 11.46
C TYR A 294 -15.03 2.20 12.43
N GLN A 295 -13.90 2.89 12.19
CA GLN A 295 -13.48 4.01 13.01
C GLN A 295 -14.41 5.22 12.91
N GLN A 296 -15.22 5.31 11.87
CA GLN A 296 -16.18 6.39 11.70
C GLN A 296 -17.63 5.97 11.98
N LEU A 297 -17.83 4.78 12.56
CA LEU A 297 -19.17 4.29 12.85
C LEU A 297 -19.34 4.03 14.34
N ALA A 298 -20.59 4.03 14.79
CA ALA A 298 -20.90 3.74 16.19
C ALA A 298 -22.11 2.84 16.28
N SER B 1 -16.64 -17.75 -47.89
CA SER B 1 -17.05 -17.12 -46.64
C SER B 1 -16.72 -18.00 -45.42
N GLY B 2 -17.01 -17.50 -44.24
CA GLY B 2 -16.71 -18.17 -43.00
C GLY B 2 -15.44 -17.56 -42.45
N ILE B 3 -15.33 -17.48 -41.11
CA ILE B 3 -14.12 -16.97 -40.49
C ILE B 3 -13.69 -17.98 -39.43
N VAL B 4 -12.44 -18.47 -39.48
CA VAL B 4 -11.94 -19.40 -38.48
C VAL B 4 -10.53 -18.97 -38.03
N LYS B 5 -10.04 -19.54 -36.94
CA LYS B 5 -8.67 -19.31 -36.50
C LYS B 5 -7.83 -20.27 -37.30
N MET B 6 -7.02 -19.74 -38.18
CA MET B 6 -6.19 -20.57 -39.04
C MET B 6 -4.79 -20.62 -38.53
N VAL B 7 -4.18 -21.80 -38.56
CA VAL B 7 -2.79 -21.96 -38.17
C VAL B 7 -1.95 -22.01 -39.44
N ASN B 8 -0.69 -21.59 -39.30
CA ASN B 8 0.24 -21.68 -40.41
C ASN B 8 0.57 -23.15 -40.61
N PRO B 9 0.90 -23.58 -41.85
CA PRO B 9 1.39 -24.95 -42.03
C PRO B 9 2.60 -25.22 -41.11
N THR B 10 2.78 -26.46 -40.68
CA THR B 10 3.81 -26.81 -39.70
C THR B 10 5.05 -27.51 -40.28
N SER B 11 5.03 -27.85 -41.58
CA SER B 11 6.15 -28.57 -42.17
C SER B 11 7.53 -27.98 -41.97
N LYS B 12 7.67 -26.64 -41.94
CA LYS B 12 8.99 -26.04 -41.75
C LYS B 12 9.47 -26.13 -40.29
N VAL B 13 8.55 -26.23 -39.33
CA VAL B 13 8.91 -26.24 -37.92
C VAL B 13 9.03 -27.65 -37.33
N GLU B 14 8.22 -28.61 -37.80
CA GLU B 14 8.30 -29.98 -37.29
C GLU B 14 9.69 -30.58 -37.28
N PRO B 15 10.54 -30.45 -38.33
CA PRO B 15 11.87 -31.06 -38.27
C PRO B 15 12.86 -30.37 -37.33
N CYS B 16 12.42 -29.34 -36.62
CA CYS B 16 13.26 -28.63 -35.68
C CYS B 16 12.93 -28.98 -34.23
N VAL B 17 11.83 -29.70 -33.98
CA VAL B 17 11.42 -30.03 -32.63
C VAL B 17 12.26 -31.16 -32.08
N VAL B 18 12.90 -30.93 -30.95
CA VAL B 18 13.73 -31.93 -30.30
C VAL B 18 13.29 -32.04 -28.83
N SER B 19 13.77 -33.05 -28.17
CA SER B 19 13.56 -33.33 -26.77
C SER B 19 14.87 -32.93 -26.07
N VAL B 20 14.81 -32.31 -24.90
CA VAL B 20 16.00 -31.96 -24.14
C VAL B 20 15.85 -32.53 -22.75
N THR B 21 16.80 -33.37 -22.33
CA THR B 21 16.73 -34.00 -21.02
C THR B 21 17.94 -33.66 -20.18
N TYR B 22 17.69 -33.35 -18.91
CA TYR B 22 18.69 -33.14 -17.88
C TYR B 22 18.13 -33.89 -16.68
N GLY B 23 18.90 -34.83 -16.14
CA GLY B 23 18.45 -35.63 -15.00
C GLY B 23 17.16 -36.36 -15.29
N ASN B 24 16.17 -36.15 -14.44
CA ASN B 24 14.86 -36.76 -14.64
C ASN B 24 13.88 -35.85 -15.44
N MET B 25 14.30 -34.61 -15.78
CA MET B 25 13.45 -33.66 -16.47
C MET B 25 13.61 -33.65 -18.00
N THR B 26 12.51 -33.84 -18.71
CA THR B 26 12.51 -33.76 -20.16
C THR B 26 11.54 -32.67 -20.62
N LEU B 27 12.04 -31.75 -21.45
CA LEU B 27 11.16 -30.75 -22.06
C LEU B 27 11.48 -30.64 -23.59
N ASN B 28 10.88 -29.70 -24.30
CA ASN B 28 11.12 -29.58 -25.74
C ASN B 28 12.15 -28.51 -26.04
N GLY B 29 12.77 -28.67 -27.18
CA GLY B 29 13.74 -27.72 -27.69
C GLY B 29 13.51 -27.45 -29.16
N LEU B 30 14.21 -26.45 -29.68
CA LEU B 30 14.13 -26.08 -31.07
C LEU B 30 15.55 -26.16 -31.61
N TRP B 31 15.77 -27.03 -32.57
CA TRP B 31 17.06 -27.29 -33.21
C TRP B 31 17.14 -26.55 -34.53
N LEU B 32 17.94 -25.50 -34.55
CA LEU B 32 18.14 -24.65 -35.75
C LEU B 32 19.64 -24.61 -35.96
N ASP B 33 20.11 -24.96 -37.17
CA ASP B 33 21.55 -25.05 -37.45
C ASP B 33 22.20 -26.06 -36.44
N ASP B 34 23.25 -25.69 -35.72
CA ASP B 34 23.86 -26.53 -34.69
C ASP B 34 23.46 -26.04 -33.28
N LYS B 35 22.33 -25.33 -33.15
CA LYS B 35 21.90 -24.81 -31.86
C LYS B 35 20.59 -25.43 -31.45
N VAL B 36 20.45 -25.70 -30.15
CA VAL B 36 19.23 -26.20 -29.57
C VAL B 36 18.78 -25.24 -28.49
N TYR B 37 17.64 -24.59 -28.71
CA TYR B 37 17.09 -23.64 -27.77
C TYR B 37 16.06 -24.34 -26.91
N CYS B 38 16.10 -24.13 -25.60
CA CYS B 38 15.13 -24.75 -24.69
C CYS B 38 15.02 -23.93 -23.40
N PRO B 39 13.94 -24.05 -22.62
CA PRO B 39 13.86 -23.32 -21.35
C PRO B 39 14.97 -23.74 -20.37
N ARG B 40 15.54 -22.79 -19.63
CA ARG B 40 16.61 -23.12 -18.68
C ARG B 40 16.09 -23.87 -17.43
N HIS B 41 14.76 -23.87 -17.15
CA HIS B 41 14.26 -24.58 -15.97
C HIS B 41 14.42 -26.11 -16.08
N VAL B 42 14.90 -26.63 -17.24
CA VAL B 42 15.18 -28.05 -17.41
C VAL B 42 16.24 -28.51 -16.36
N ILE B 43 17.17 -27.60 -15.96
CA ILE B 43 18.23 -27.91 -15.01
C ILE B 43 17.83 -27.66 -13.56
N CYS B 44 16.83 -26.79 -13.31
CA CYS B 44 16.52 -26.40 -11.95
C CYS B 44 15.78 -27.45 -11.16
N SER B 45 16.29 -27.71 -9.95
CA SER B 45 15.72 -28.66 -9.00
C SER B 45 14.39 -28.08 -8.56
N ALA B 46 13.27 -28.73 -8.99
CA ALA B 46 11.91 -28.29 -8.67
C ALA B 46 11.73 -28.13 -7.18
N SER B 47 10.79 -27.26 -6.78
CA SER B 47 10.55 -26.99 -5.38
C SER B 47 11.57 -25.96 -4.87
N ASP B 48 12.89 -26.16 -5.10
CA ASP B 48 13.85 -25.09 -4.75
C ASP B 48 13.65 -23.86 -5.65
N MET B 49 12.79 -23.97 -6.68
CA MET B 49 12.36 -22.90 -7.56
C MET B 49 11.52 -22.01 -6.65
N THR B 50 11.72 -20.69 -6.77
CA THR B 50 11.32 -19.51 -6.00
C THR B 50 12.72 -18.96 -5.92
N ASN B 51 13.05 -17.92 -6.68
CA ASN B 51 14.43 -17.43 -6.75
C ASN B 51 15.47 -18.55 -7.00
N PRO B 52 15.28 -19.42 -8.03
CA PRO B 52 16.29 -20.48 -8.26
C PRO B 52 17.60 -19.86 -8.72
N ASP B 53 18.73 -20.33 -8.18
CA ASP B 53 20.04 -19.79 -8.55
C ASP B 53 20.55 -20.51 -9.78
N TYR B 54 20.07 -20.11 -10.97
CA TYR B 54 20.45 -20.74 -12.23
C TYR B 54 21.94 -20.67 -12.53
N THR B 55 22.62 -19.58 -12.10
CA THR B 55 24.06 -19.45 -12.33
C THR B 55 24.84 -20.46 -11.46
N ASN B 56 24.41 -20.67 -10.21
CA ASN B 56 25.05 -21.65 -9.33
C ASN B 56 24.74 -23.07 -9.80
N LEU B 57 23.52 -23.30 -10.31
CA LEU B 57 23.09 -24.57 -10.87
C LEU B 57 23.89 -24.90 -12.12
N LEU B 58 24.28 -23.90 -12.93
CA LEU B 58 25.06 -24.11 -14.14
C LEU B 58 26.51 -24.52 -13.88
N CYS B 59 27.04 -24.21 -12.69
CA CYS B 59 28.40 -24.61 -12.31
C CYS B 59 28.51 -26.13 -12.23
N ARG B 60 27.47 -26.77 -11.70
CA ARG B 60 27.42 -28.22 -11.56
C ARG B 60 26.94 -28.94 -12.85
N VAL B 61 26.70 -28.19 -13.95
CA VAL B 61 26.20 -28.75 -15.21
C VAL B 61 27.32 -28.90 -16.23
N THR B 62 27.36 -30.06 -16.88
CA THR B 62 28.32 -30.40 -17.94
C THR B 62 27.50 -30.65 -19.23
N SER B 63 28.11 -30.45 -20.41
CA SER B 63 27.46 -30.70 -21.70
C SER B 63 26.94 -32.13 -21.80
N SER B 64 27.69 -33.09 -21.25
CA SER B 64 27.31 -34.51 -21.25
C SER B 64 26.04 -34.80 -20.43
N ASP B 65 25.64 -33.89 -19.54
CA ASP B 65 24.41 -34.06 -18.75
C ASP B 65 23.15 -33.90 -19.61
N PHE B 66 23.26 -33.26 -20.79
CA PHE B 66 22.13 -33.07 -21.69
C PHE B 66 21.97 -34.20 -22.69
N THR B 67 20.76 -34.69 -22.84
CA THR B 67 20.43 -35.70 -23.84
C THR B 67 19.45 -35.01 -24.78
N VAL B 68 19.84 -34.80 -26.04
CA VAL B 68 19.00 -34.11 -27.00
C VAL B 68 18.63 -35.11 -28.06
N LEU B 69 17.33 -35.31 -28.29
CA LEU B 69 16.89 -36.28 -29.26
C LEU B 69 16.01 -35.66 -30.35
N PHE B 70 16.21 -36.02 -31.60
CA PHE B 70 15.31 -35.66 -32.69
C PHE B 70 14.72 -37.00 -33.06
N ASP B 71 13.52 -37.30 -32.52
CA ASP B 71 12.90 -38.62 -32.59
C ASP B 71 13.86 -39.64 -31.91
N ARG B 72 14.57 -40.53 -32.62
CA ARG B 72 15.54 -41.44 -31.98
C ARG B 72 17.00 -41.03 -32.22
N LEU B 73 17.25 -40.03 -33.04
CA LEU B 73 18.59 -39.53 -33.31
C LEU B 73 19.10 -38.74 -32.10
N SER B 74 20.22 -39.18 -31.52
CA SER B 74 20.79 -38.55 -30.36
C SER B 74 21.79 -37.53 -30.80
N LEU B 75 21.64 -36.30 -30.34
CA LEU B 75 22.52 -35.22 -30.69
C LEU B 75 23.51 -34.96 -29.54
N THR B 76 24.78 -34.71 -29.88
CA THR B 76 25.82 -34.52 -28.89
C THR B 76 26.05 -33.07 -28.60
N VAL B 77 25.87 -32.67 -27.33
CA VAL B 77 26.09 -31.30 -26.89
C VAL B 77 27.59 -31.05 -26.71
N MET B 78 28.13 -30.10 -27.46
CA MET B 78 29.53 -29.68 -27.38
C MET B 78 29.69 -28.64 -26.25
N SER B 79 28.75 -27.71 -26.15
CA SER B 79 28.79 -26.63 -25.17
C SER B 79 27.39 -26.04 -24.97
N TYR B 80 27.22 -25.20 -23.94
CA TYR B 80 25.93 -24.57 -23.66
C TYR B 80 26.13 -23.15 -23.18
N GLN B 81 25.11 -22.34 -23.34
CA GLN B 81 25.14 -20.95 -22.94
C GLN B 81 23.75 -20.57 -22.42
N MET B 82 23.69 -19.81 -21.32
CA MET B 82 22.40 -19.37 -20.80
C MET B 82 22.18 -17.98 -21.32
N ARG B 83 21.11 -17.80 -22.08
CA ARG B 83 20.70 -16.55 -22.70
C ARG B 83 19.33 -16.19 -22.09
N GLY B 84 19.33 -15.35 -21.06
CA GLY B 84 18.10 -15.03 -20.35
C GLY B 84 17.55 -16.25 -19.64
N CYS B 85 16.27 -16.57 -19.86
CA CYS B 85 15.65 -17.75 -19.28
C CYS B 85 15.66 -18.94 -20.23
N MET B 86 16.62 -18.97 -21.14
CA MET B 86 16.74 -19.99 -22.17
C MET B 86 18.16 -20.56 -22.16
N LEU B 87 18.29 -21.83 -22.49
CA LEU B 87 19.58 -22.47 -22.70
C LEU B 87 19.74 -22.61 -24.22
N VAL B 88 20.92 -22.32 -24.69
CA VAL B 88 21.30 -22.45 -26.09
C VAL B 88 22.41 -23.49 -26.10
N LEU B 89 22.08 -24.71 -26.49
CA LEU B 89 23.05 -25.80 -26.54
C LEU B 89 23.64 -25.85 -27.93
N THR B 90 24.96 -26.00 -28.04
CA THR B 90 25.61 -26.17 -29.33
C THR B 90 25.82 -27.64 -29.50
N VAL B 91 25.33 -28.19 -30.61
CA VAL B 91 25.46 -29.60 -30.89
C VAL B 91 26.38 -29.83 -32.08
N THR B 92 26.93 -31.05 -32.19
CA THR B 92 27.87 -31.40 -33.27
C THR B 92 27.21 -31.46 -34.66
N LEU B 93 25.90 -31.69 -34.71
CA LEU B 93 25.22 -31.85 -35.96
C LEU B 93 24.33 -30.69 -36.36
N GLN B 94 24.54 -30.22 -37.58
CA GLN B 94 23.72 -29.20 -38.21
C GLN B 94 22.36 -29.84 -38.56
N ASN B 95 21.27 -29.12 -38.31
CA ASN B 95 19.96 -29.61 -38.69
C ASN B 95 19.84 -29.27 -40.15
N SER B 96 19.91 -30.31 -40.99
CA SER B 96 19.83 -30.19 -42.44
C SER B 96 18.47 -29.72 -42.93
N ARG B 97 17.43 -29.81 -42.09
CA ARG B 97 16.12 -29.32 -42.45
C ARG B 97 15.80 -28.00 -41.77
N THR B 98 16.83 -27.19 -41.44
CA THR B 98 16.61 -25.90 -40.82
C THR B 98 15.97 -25.00 -41.87
N PRO B 99 14.79 -24.46 -41.57
CA PRO B 99 14.16 -23.58 -42.55
C PRO B 99 14.86 -22.22 -42.58
N LYS B 100 14.44 -21.36 -43.53
CA LYS B 100 14.82 -19.95 -43.55
C LYS B 100 14.13 -19.38 -42.29
N TYR B 101 14.89 -18.82 -41.34
CA TYR B 101 14.28 -18.38 -40.10
C TYR B 101 14.82 -17.08 -39.59
N THR B 102 14.03 -16.46 -38.72
CA THR B 102 14.41 -15.28 -37.99
C THR B 102 13.73 -15.33 -36.62
N PHE B 103 14.14 -14.45 -35.71
CA PHE B 103 13.53 -14.35 -34.42
C PHE B 103 12.81 -13.02 -34.35
N GLY B 104 11.64 -13.04 -33.73
CA GLY B 104 10.82 -11.86 -33.59
C GLY B 104 10.13 -11.84 -32.25
N VAL B 105 9.43 -10.76 -31.98
CA VAL B 105 8.71 -10.60 -30.72
C VAL B 105 7.30 -10.16 -31.10
N VAL B 106 6.25 -10.83 -30.61
CA VAL B 106 4.88 -10.40 -30.89
C VAL B 106 4.45 -9.32 -29.89
N LYS B 107 3.49 -8.51 -30.30
CA LYS B 107 2.92 -7.47 -29.46
C LYS B 107 1.50 -7.87 -29.10
N PRO B 108 0.87 -7.27 -28.06
CA PRO B 108 -0.52 -7.61 -27.75
C PRO B 108 -1.44 -7.42 -28.97
N GLY B 109 -2.34 -8.38 -29.18
CA GLY B 109 -3.25 -8.34 -30.30
C GLY B 109 -2.76 -9.19 -31.46
N GLU B 110 -1.43 -9.38 -31.57
CA GLU B 110 -0.86 -10.20 -32.64
C GLU B 110 -1.01 -11.71 -32.42
N THR B 111 -1.19 -12.43 -33.53
CA THR B 111 -1.43 -13.84 -33.52
C THR B 111 -0.24 -14.63 -33.98
N PHE B 112 -0.19 -15.91 -33.60
CA PHE B 112 0.86 -16.80 -34.04
C PHE B 112 0.42 -18.23 -33.86
N THR B 113 1.19 -19.16 -34.44
CA THR B 113 0.86 -20.57 -34.34
C THR B 113 1.78 -21.20 -33.32
N VAL B 114 1.21 -22.01 -32.43
CA VAL B 114 2.00 -22.76 -31.49
C VAL B 114 2.04 -24.18 -32.00
N LEU B 115 3.23 -24.77 -32.07
CA LEU B 115 3.36 -26.17 -32.42
C LEU B 115 3.57 -26.86 -31.07
N ALA B 116 2.49 -27.40 -30.50
CA ALA B 116 2.56 -28.09 -29.21
C ALA B 116 3.36 -29.36 -29.38
N ALA B 117 4.28 -29.61 -28.46
CA ALA B 117 5.11 -30.79 -28.49
C ALA B 117 5.22 -31.41 -27.12
N TYR B 118 5.41 -32.73 -27.07
CA TYR B 118 5.60 -33.47 -25.81
CA TYR B 118 5.57 -33.47 -25.82
C TYR B 118 6.70 -34.47 -26.07
N ASN B 119 7.72 -34.50 -25.21
CA ASN B 119 8.85 -35.41 -25.36
C ASN B 119 9.52 -35.28 -26.74
N GLY B 120 9.60 -34.05 -27.24
CA GLY B 120 10.20 -33.75 -28.53
C GLY B 120 9.38 -34.17 -29.74
N LYS B 121 8.13 -34.50 -29.53
CA LYS B 121 7.28 -34.92 -30.63
C LYS B 121 6.14 -33.93 -30.81
N PRO B 122 6.01 -33.32 -31.99
CA PRO B 122 4.88 -32.42 -32.22
C PRO B 122 3.58 -33.17 -32.12
N GLN B 123 2.61 -32.61 -31.44
CA GLN B 123 1.31 -33.24 -31.26
C GLN B 123 0.24 -32.61 -32.14
N GLY B 124 0.35 -31.32 -32.33
CA GLY B 124 -0.58 -30.54 -33.11
C GLY B 124 -0.23 -29.08 -33.03
N ALA B 125 -1.04 -28.26 -33.64
CA ALA B 125 -0.82 -26.83 -33.68
C ALA B 125 -2.09 -26.11 -33.32
N PHE B 126 -1.97 -24.90 -32.79
CA PHE B 126 -3.13 -24.08 -32.49
C PHE B 126 -2.82 -22.62 -32.63
N HIS B 127 -3.84 -21.82 -32.91
CA HIS B 127 -3.75 -20.39 -33.11
C HIS B 127 -3.83 -19.72 -31.75
N VAL B 128 -2.94 -18.78 -31.49
CA VAL B 128 -3.00 -18.01 -30.25
C VAL B 128 -2.93 -16.54 -30.54
N THR B 129 -3.42 -15.72 -29.58
CA THR B 129 -3.38 -14.27 -29.67
C THR B 129 -2.62 -13.80 -28.43
N MET B 130 -1.59 -12.98 -28.61
CA MET B 130 -0.86 -12.43 -27.47
C MET B 130 -1.81 -11.42 -26.80
N ARG B 131 -2.11 -11.63 -25.53
CA ARG B 131 -3.00 -10.74 -24.80
C ARG B 131 -2.23 -9.51 -24.34
N SER B 132 -2.96 -8.48 -23.93
CA SER B 132 -2.33 -7.31 -23.34
C SER B 132 -1.65 -7.67 -22.01
N SER B 133 -2.06 -8.78 -21.35
CA SER B 133 -1.41 -9.29 -20.16
C SER B 133 -0.09 -10.00 -20.46
N TYR B 134 0.32 -10.04 -21.71
CA TYR B 134 1.51 -10.71 -22.19
C TYR B 134 1.50 -12.20 -21.85
N THR B 135 0.34 -12.81 -22.02
CA THR B 135 0.06 -14.23 -21.86
C THR B 135 -0.76 -14.64 -23.08
N ILE B 136 -0.88 -15.94 -23.28
CA ILE B 136 -1.71 -16.51 -24.33
C ILE B 136 -2.66 -17.50 -23.66
N LYS B 137 -3.76 -17.80 -24.31
CA LYS B 137 -4.70 -18.79 -23.82
C LYS B 137 -4.41 -20.02 -24.66
N GLY B 138 -3.50 -20.84 -24.19
CA GLY B 138 -3.10 -22.03 -24.92
C GLY B 138 -3.60 -23.30 -24.28
N SER B 139 -3.01 -24.41 -24.68
CA SER B 139 -3.30 -25.71 -24.10
C SER B 139 -1.96 -26.36 -23.95
N PHE B 140 -1.49 -26.42 -22.72
CA PHE B 140 -0.17 -26.94 -22.44
C PHE B 140 -0.17 -27.74 -21.19
N LEU B 141 0.47 -28.89 -21.20
CA LEU B 141 0.67 -29.68 -20.00
C LEU B 141 2.14 -29.49 -19.55
N CYS B 142 2.56 -30.09 -18.44
CA CYS B 142 3.94 -29.92 -17.99
C CYS B 142 5.03 -30.23 -19.06
N GLY B 143 4.91 -31.32 -19.79
CA GLY B 143 5.93 -31.66 -20.78
C GLY B 143 5.99 -30.78 -22.01
N SER B 144 5.07 -29.82 -22.16
CA SER B 144 5.03 -28.96 -23.33
C SER B 144 5.91 -27.73 -23.27
N CYS B 145 6.64 -27.50 -22.14
CA CYS B 145 7.61 -26.39 -22.04
C CYS B 145 8.66 -26.58 -23.15
N GLY B 146 8.95 -25.50 -23.87
CA GLY B 146 9.83 -25.59 -25.02
C GLY B 146 9.10 -25.65 -26.34
N SER B 147 7.75 -25.82 -26.31
CA SER B 147 6.92 -25.76 -27.53
C SER B 147 7.05 -24.34 -28.10
N VAL B 148 7.13 -24.19 -29.42
CA VAL B 148 7.39 -22.90 -30.01
C VAL B 148 6.21 -22.31 -30.73
N GLY B 149 6.20 -20.99 -30.73
CA GLY B 149 5.23 -20.16 -31.40
C GLY B 149 5.95 -19.49 -32.54
N TYR B 150 5.31 -19.45 -33.69
CA TYR B 150 5.93 -18.89 -34.87
C TYR B 150 4.89 -18.33 -35.81
N VAL B 151 5.37 -17.49 -36.71
CA VAL B 151 4.54 -16.92 -37.73
C VAL B 151 5.31 -17.06 -39.04
N ILE B 152 4.62 -17.22 -40.17
CA ILE B 152 5.29 -17.35 -41.44
C ILE B 152 5.26 -16.03 -42.20
N MET B 153 6.43 -15.48 -42.50
CA MET B 153 6.58 -14.22 -43.22
C MET B 153 7.23 -14.58 -44.56
N GLY B 154 6.44 -14.70 -45.61
CA GLY B 154 6.97 -15.13 -46.90
C GLY B 154 7.41 -16.58 -46.84
N ASP B 155 8.67 -16.88 -47.13
CA ASP B 155 9.19 -18.24 -46.99
C ASP B 155 10.01 -18.42 -45.67
N CYS B 156 10.00 -17.38 -44.80
CA CYS B 156 10.74 -17.33 -43.57
C CYS B 156 9.88 -17.67 -42.34
N VAL B 157 10.42 -18.49 -41.46
CA VAL B 157 9.75 -18.80 -40.21
C VAL B 157 10.22 -17.75 -39.21
N LYS B 158 9.29 -16.98 -38.63
CA LYS B 158 9.67 -16.03 -37.60
C LYS B 158 9.30 -16.65 -36.24
N PHE B 159 10.30 -17.15 -35.50
CA PHE B 159 10.05 -17.74 -34.20
C PHE B 159 9.86 -16.63 -33.19
N VAL B 160 8.72 -16.61 -32.48
CA VAL B 160 8.44 -15.53 -31.54
C VAL B 160 8.19 -15.97 -30.09
N TYR B 161 8.06 -17.29 -29.83
CA TYR B 161 7.65 -17.72 -28.51
C TYR B 161 8.19 -19.08 -28.16
N MET B 162 8.57 -19.27 -26.91
CA MET B 162 8.97 -20.56 -26.41
C MET B 162 8.22 -20.71 -25.12
N HIS B 163 7.37 -21.73 -25.04
CA HIS B 163 6.54 -21.94 -23.88
C HIS B 163 7.33 -22.24 -22.61
N GLN B 164 6.96 -21.57 -21.50
CA GLN B 164 7.66 -21.77 -20.24
C GLN B 164 6.78 -21.96 -19.05
N LEU B 165 5.77 -21.11 -18.89
CA LEU B 165 4.98 -21.04 -17.67
C LEU B 165 3.50 -21.16 -17.85
N GLU B 166 2.87 -21.64 -16.80
CA GLU B 166 1.44 -21.60 -16.70
C GLU B 166 1.24 -20.72 -15.47
N LEU B 167 0.73 -19.51 -15.69
CA LEU B 167 0.53 -18.56 -14.60
C LEU B 167 -0.74 -18.79 -13.82
N SER B 168 -1.73 -19.37 -14.47
CA SER B 168 -3.03 -19.65 -13.93
C SER B 168 -3.73 -20.66 -14.88
N THR B 169 -4.89 -21.23 -14.48
CA THR B 169 -5.62 -22.16 -15.36
C THR B 169 -5.86 -21.59 -16.77
N GLY B 170 -5.34 -22.27 -17.78
CA GLY B 170 -5.49 -21.85 -19.17
C GLY B 170 -4.79 -20.54 -19.54
N CYS B 171 -3.87 -20.09 -18.69
CA CYS B 171 -3.14 -18.83 -18.83
C CYS B 171 -1.66 -19.10 -18.93
N HIS B 172 -1.08 -18.91 -20.11
CA HIS B 172 0.30 -19.31 -20.33
C HIS B 172 1.21 -18.19 -20.79
N THR B 173 2.50 -18.32 -20.51
CA THR B 173 3.48 -17.35 -21.01
C THR B 173 4.83 -18.04 -21.27
N GLY B 174 5.71 -17.33 -21.94
CA GLY B 174 7.01 -17.85 -22.29
C GLY B 174 7.93 -16.72 -22.69
N THR B 175 9.01 -17.07 -23.33
CA THR B 175 10.02 -16.12 -23.71
C THR B 175 10.07 -15.94 -25.21
N ASP B 176 10.74 -14.87 -25.64
CA ASP B 176 11.07 -14.69 -27.04
C ASP B 176 12.43 -15.45 -27.22
N PHE B 177 13.01 -15.43 -28.42
CA PHE B 177 14.24 -16.17 -28.66
C PHE B 177 15.52 -15.40 -28.29
N ASN B 178 15.37 -14.30 -27.57
CA ASN B 178 16.48 -13.66 -26.90
C ASN B 178 16.54 -14.18 -25.43
N GLY B 179 15.58 -15.02 -25.00
CA GLY B 179 15.50 -15.54 -23.65
C GLY B 179 14.77 -14.61 -22.71
N ASP B 180 14.15 -13.55 -23.23
CA ASP B 180 13.41 -12.60 -22.40
C ASP B 180 11.97 -13.01 -22.34
N PHE B 181 11.42 -13.06 -21.13
CA PHE B 181 10.02 -13.36 -20.96
C PHE B 181 9.18 -12.26 -21.51
N TYR B 182 7.97 -12.60 -21.93
CA TYR B 182 7.00 -11.61 -22.32
C TYR B 182 6.46 -11.06 -21.01
N GLY B 183 6.29 -9.75 -20.91
CA GLY B 183 5.80 -9.13 -19.70
C GLY B 183 6.82 -9.19 -18.59
N PRO B 184 6.39 -9.03 -17.35
CA PRO B 184 7.33 -9.04 -16.21
C PRO B 184 7.45 -10.41 -15.56
N TYR B 185 7.09 -11.48 -16.28
CA TYR B 185 7.05 -12.82 -15.70
C TYR B 185 8.44 -13.43 -15.58
N LYS B 186 8.59 -14.35 -14.64
CA LYS B 186 9.88 -14.97 -14.36
C LYS B 186 9.75 -16.46 -14.21
N ASP B 187 10.86 -17.19 -14.44
CA ASP B 187 10.84 -18.64 -14.27
C ASP B 187 11.18 -18.96 -12.81
N ALA B 188 10.27 -18.59 -11.90
CA ALA B 188 10.35 -18.87 -10.47
C ALA B 188 9.03 -19.59 -10.03
N GLN B 189 9.11 -20.51 -9.06
CA GLN B 189 7.94 -21.26 -8.62
C GLN B 189 7.20 -20.48 -7.59
N VAL B 190 6.52 -19.45 -8.05
CA VAL B 190 5.79 -18.55 -7.21
C VAL B 190 4.56 -18.05 -7.96
N VAL B 191 3.49 -17.69 -7.21
CA VAL B 191 2.29 -17.14 -7.83
C VAL B 191 2.65 -15.77 -8.44
N GLN B 192 2.34 -15.59 -9.72
CA GLN B 192 2.65 -14.35 -10.42
C GLN B 192 1.37 -13.68 -10.89
N LEU B 193 1.18 -12.44 -10.46
CA LEU B 193 0.03 -11.64 -10.83
C LEU B 193 0.15 -11.20 -12.28
N LEU B 194 -0.98 -11.14 -12.95
CA LEU B 194 -1.04 -10.84 -14.35
C LEU B 194 -1.09 -9.38 -14.63
N ILE B 195 -0.48 -8.98 -15.75
CA ILE B 195 -0.59 -7.62 -16.27
C ILE B 195 -2.04 -7.44 -16.72
N GLN B 196 -2.55 -6.23 -16.66
CA GLN B 196 -3.91 -5.93 -17.04
C GLN B 196 -4.20 -6.35 -18.48
N ASP B 197 -5.29 -7.08 -18.70
CA ASP B 197 -5.71 -7.44 -20.06
C ASP B 197 -6.83 -6.51 -20.50
N TYR B 198 -6.98 -6.42 -21.81
CA TYR B 198 -7.99 -5.60 -22.43
C TYR B 198 -8.57 -6.35 -23.61
N ILE B 199 -9.75 -5.93 -24.08
CA ILE B 199 -10.29 -6.45 -25.33
C ILE B 199 -9.45 -5.81 -26.42
N GLN B 200 -8.88 -6.61 -27.32
CA GLN B 200 -8.03 -6.09 -28.39
C GLN B 200 -8.95 -5.43 -29.39
N SER B 201 -9.13 -4.10 -29.26
CA SER B 201 -10.08 -3.33 -30.07
C SER B 201 -9.97 -3.49 -31.56
N VAL B 202 -8.78 -3.38 -32.14
CA VAL B 202 -8.60 -3.49 -33.59
C VAL B 202 -8.95 -4.91 -34.07
N ASN B 203 -8.78 -5.94 -33.22
CA ASN B 203 -9.13 -7.31 -33.56
C ASN B 203 -10.64 -7.47 -33.59
N PHE B 204 -11.35 -6.82 -32.67
CA PHE B 204 -12.81 -6.85 -32.68
C PHE B 204 -13.33 -6.06 -33.87
N VAL B 205 -12.66 -4.96 -34.26
CA VAL B 205 -13.02 -4.19 -35.46
C VAL B 205 -12.84 -5.10 -36.69
N ALA B 206 -11.77 -5.91 -36.73
CA ALA B 206 -11.53 -6.89 -37.81
C ALA B 206 -12.71 -7.88 -37.87
N TRP B 207 -13.17 -8.35 -36.71
CA TRP B 207 -14.31 -9.26 -36.58
C TRP B 207 -15.57 -8.60 -37.14
N LEU B 208 -15.79 -7.32 -36.83
CA LEU B 208 -16.95 -6.61 -37.36
C LEU B 208 -16.87 -6.43 -38.87
N TYR B 209 -15.68 -6.14 -39.42
CA TYR B 209 -15.51 -6.01 -40.86
C TYR B 209 -15.78 -7.33 -41.54
N ALA B 210 -15.24 -8.42 -40.97
CA ALA B 210 -15.46 -9.78 -41.48
C ALA B 210 -16.94 -10.11 -41.43
N ALA B 211 -17.65 -9.70 -40.38
CA ALA B 211 -19.08 -9.93 -40.26
C ALA B 211 -19.84 -9.20 -41.35
N ILE B 212 -19.48 -7.94 -41.69
CA ILE B 212 -20.14 -7.20 -42.77
C ILE B 212 -20.02 -7.96 -44.10
N LEU B 213 -18.87 -8.56 -44.34
CA LEU B 213 -18.66 -9.37 -45.54
C LEU B 213 -19.20 -10.80 -45.44
N ASN B 214 -19.74 -11.18 -44.29
CA ASN B 214 -20.34 -12.48 -44.04
C ASN B 214 -21.84 -12.29 -43.73
N ASN B 215 -22.48 -11.34 -44.45
CA ASN B 215 -23.90 -11.01 -44.40
C ASN B 215 -24.40 -10.65 -42.98
N CYS B 216 -23.64 -9.82 -42.26
CA CYS B 216 -24.03 -9.44 -40.90
C CYS B 216 -23.61 -8.00 -40.63
N ASN B 217 -24.55 -7.06 -40.63
CA ASN B 217 -24.22 -5.65 -40.44
C ASN B 217 -25.20 -4.89 -39.55
N TRP B 218 -26.03 -5.59 -38.79
CA TRP B 218 -27.05 -4.94 -37.96
C TRP B 218 -26.47 -3.90 -36.99
N PHE B 219 -25.20 -4.06 -36.61
CA PHE B 219 -24.51 -3.17 -35.69
C PHE B 219 -24.06 -1.87 -36.36
N VAL B 220 -24.12 -1.76 -37.69
CA VAL B 220 -23.73 -0.56 -38.40
C VAL B 220 -24.85 0.47 -38.32
N GLN B 221 -24.52 1.66 -37.80
CA GLN B 221 -25.45 2.77 -37.67
C GLN B 221 -24.81 4.08 -38.20
N SER B 222 -25.55 5.17 -38.20
CA SER B 222 -25.08 6.46 -38.69
C SER B 222 -24.09 7.16 -37.74
N ASP B 223 -24.04 6.75 -36.45
CA ASP B 223 -23.12 7.38 -35.53
C ASP B 223 -21.65 6.98 -35.80
N LYS B 224 -20.77 7.91 -35.54
CA LYS B 224 -19.35 7.76 -35.75
C LYS B 224 -18.60 8.23 -34.52
N CYS B 225 -17.48 7.57 -34.22
CA CYS B 225 -16.65 7.93 -33.10
C CYS B 225 -15.23 7.94 -33.61
N SER B 226 -14.53 9.07 -33.46
CA SER B 226 -13.15 9.16 -33.93
C SER B 226 -12.23 8.23 -33.15
N VAL B 227 -11.04 7.92 -33.69
CA VAL B 227 -10.04 7.08 -33.03
C VAL B 227 -9.67 7.73 -31.68
N GLU B 228 -9.46 9.05 -31.69
CA GLU B 228 -9.09 9.84 -30.52
C GLU B 228 -10.15 9.72 -29.43
N ASP B 229 -11.43 9.91 -29.78
CA ASP B 229 -12.52 9.80 -28.82
C ASP B 229 -12.72 8.37 -28.35
N PHE B 230 -12.52 7.37 -29.23
CA PHE B 230 -12.67 5.97 -28.82
C PHE B 230 -11.60 5.62 -27.82
N ASN B 231 -10.36 6.06 -28.06
CA ASN B 231 -9.23 5.76 -27.21
C ASN B 231 -9.36 6.31 -25.82
N VAL B 232 -10.06 7.44 -25.66
CA VAL B 232 -10.32 8.00 -24.33
C VAL B 232 -11.36 7.11 -23.63
N TRP B 233 -12.44 6.78 -24.34
CA TRP B 233 -13.51 5.90 -23.85
C TRP B 233 -12.96 4.53 -23.44
N ALA B 234 -12.06 3.95 -24.26
CA ALA B 234 -11.45 2.63 -24.09
C ALA B 234 -10.70 2.48 -22.77
N LEU B 235 -10.15 3.58 -22.24
CA LEU B 235 -9.42 3.58 -20.97
C LEU B 235 -10.29 3.15 -19.80
N SER B 236 -11.57 3.54 -19.81
CA SER B 236 -12.47 3.19 -18.70
C SER B 236 -13.46 2.08 -19.03
N ASN B 237 -13.36 1.46 -20.23
CA ASN B 237 -14.30 0.42 -20.63
C ASN B 237 -13.68 -0.93 -21.01
N GLY B 238 -12.44 -1.15 -20.62
CA GLY B 238 -11.76 -2.43 -20.84
C GLY B 238 -11.37 -2.73 -22.27
N PHE B 239 -11.21 -1.70 -23.09
CA PHE B 239 -10.81 -1.88 -24.49
C PHE B 239 -9.43 -1.33 -24.69
N SER B 240 -8.66 -1.96 -25.56
CA SER B 240 -7.30 -1.50 -25.84
C SER B 240 -7.33 -0.25 -26.75
N GLN B 241 -6.20 0.46 -26.84
CA GLN B 241 -6.09 1.62 -27.71
C GLN B 241 -6.12 1.16 -29.17
N VAL B 242 -6.82 1.90 -30.02
CA VAL B 242 -6.95 1.67 -31.43
C VAL B 242 -5.97 2.55 -32.19
N LYS B 243 -5.34 1.98 -33.19
CA LYS B 243 -4.46 2.69 -34.10
C LYS B 243 -4.91 2.17 -35.48
N SER B 244 -5.27 3.06 -36.40
CA SER B 244 -5.67 2.60 -37.73
C SER B 244 -4.45 2.07 -38.49
N ASP B 245 -4.69 1.20 -39.46
CA ASP B 245 -3.63 0.63 -40.25
C ASP B 245 -4.11 0.42 -41.68
N LEU B 246 -3.20 0.09 -42.59
CA LEU B 246 -3.52 -0.10 -43.98
C LEU B 246 -4.50 -1.23 -44.21
N VAL B 247 -4.48 -2.27 -43.37
CA VAL B 247 -5.43 -3.38 -43.50
C VAL B 247 -6.84 -2.95 -43.09
N ILE B 248 -6.95 -2.15 -42.01
CA ILE B 248 -8.23 -1.57 -41.60
C ILE B 248 -8.77 -0.67 -42.73
N ASP B 249 -7.88 0.09 -43.40
CA ASP B 249 -8.27 0.93 -44.52
C ASP B 249 -8.77 0.10 -45.69
N ALA B 250 -8.13 -1.05 -45.95
CA ALA B 250 -8.54 -1.95 -47.02
C ALA B 250 -9.91 -2.53 -46.68
N LEU B 251 -10.11 -2.96 -45.43
CA LEU B 251 -11.39 -3.49 -44.98
C LEU B 251 -12.50 -2.42 -45.09
N ALA B 252 -12.17 -1.15 -44.78
CA ALA B 252 -13.12 -0.04 -44.89
C ALA B 252 -13.51 0.19 -46.34
N SER B 253 -12.55 0.05 -47.27
CA SER B 253 -12.80 0.24 -48.69
C SER B 253 -13.63 -0.93 -49.24
N MET B 254 -13.38 -2.17 -48.78
CA MET B 254 -14.11 -3.36 -49.24
C MET B 254 -15.57 -3.33 -48.80
N THR B 255 -15.84 -2.82 -47.59
CA THR B 255 -17.19 -2.79 -47.06
C THR B 255 -17.91 -1.47 -47.25
N GLY B 256 -17.15 -0.40 -47.48
CA GLY B 256 -17.72 0.93 -47.55
C GLY B 256 -18.09 1.44 -46.18
N VAL B 257 -17.58 0.82 -45.10
CA VAL B 257 -17.89 1.21 -43.73
C VAL B 257 -16.61 1.74 -43.08
N SER B 258 -16.64 2.98 -42.58
CA SER B 258 -15.46 3.58 -41.97
C SER B 258 -15.13 2.99 -40.60
N LEU B 259 -13.86 3.11 -40.19
CA LEU B 259 -13.41 2.66 -38.87
C LEU B 259 -14.23 3.38 -37.77
N GLU B 260 -14.48 4.67 -37.93
CA GLU B 260 -15.25 5.47 -37.01
C GLU B 260 -16.67 4.95 -36.79
N THR B 261 -17.27 4.40 -37.84
CA THR B 261 -18.60 3.80 -37.74
C THR B 261 -18.54 2.57 -36.83
N LEU B 262 -17.50 1.74 -36.97
CA LEU B 262 -17.34 0.55 -36.15
C LEU B 262 -16.90 0.86 -34.74
N LEU B 263 -16.15 1.95 -34.54
CA LEU B 263 -15.77 2.36 -33.19
C LEU B 263 -17.02 2.81 -32.42
N ALA B 264 -17.95 3.50 -33.08
CA ALA B 264 -19.22 3.87 -32.46
C ALA B 264 -20.05 2.61 -32.16
N ALA B 265 -20.03 1.62 -33.06
CA ALA B 265 -20.72 0.34 -32.89
C ALA B 265 -20.19 -0.41 -31.68
N ILE B 266 -18.87 -0.39 -31.44
CA ILE B 266 -18.28 -1.07 -30.29
C ILE B 266 -18.84 -0.51 -28.98
N LYS B 267 -18.94 0.82 -28.89
CA LYS B 267 -19.45 1.48 -27.69
C LYS B 267 -20.89 1.06 -27.40
N ARG B 268 -21.72 0.89 -28.43
CA ARG B 268 -23.10 0.43 -28.25
C ARG B 268 -23.10 -1.04 -27.86
N LEU B 269 -22.27 -1.87 -28.49
CA LEU B 269 -22.17 -3.29 -28.21
C LEU B 269 -21.71 -3.56 -26.79
N LYS B 270 -20.90 -2.65 -26.20
CA LYS B 270 -20.42 -2.76 -24.82
C LYS B 270 -21.60 -2.88 -23.84
N ASN B 271 -22.73 -2.17 -24.10
CA ASN B 271 -23.88 -2.31 -23.20
C ASN B 271 -24.89 -3.37 -23.67
N GLY B 272 -24.44 -4.34 -24.45
CA GLY B 272 -25.28 -5.45 -24.88
C GLY B 272 -25.55 -5.60 -26.36
N PHE B 273 -25.57 -6.86 -26.81
CA PHE B 273 -25.87 -7.21 -28.20
C PHE B 273 -27.39 -7.42 -28.42
N GLN B 274 -28.19 -7.47 -27.34
CA GLN B 274 -29.64 -7.68 -27.36
C GLN B 274 -30.01 -9.03 -27.96
N GLY B 275 -29.25 -10.06 -27.60
CA GLY B 275 -29.47 -11.41 -28.07
C GLY B 275 -29.12 -11.68 -29.53
N ARG B 276 -28.54 -10.68 -30.22
CA ARG B 276 -28.18 -10.82 -31.61
C ARG B 276 -26.74 -11.25 -31.73
N GLN B 277 -26.46 -12.16 -32.63
CA GLN B 277 -25.11 -12.65 -32.83
C GLN B 277 -24.43 -11.99 -34.00
N ILE B 278 -23.11 -11.98 -33.94
CA ILE B 278 -22.26 -11.50 -35.01
C ILE B 278 -21.44 -12.72 -35.31
N MET B 279 -21.72 -13.38 -36.44
CA MET B 279 -21.07 -14.63 -36.85
C MET B 279 -21.05 -15.70 -35.75
N GLY B 280 -22.21 -15.94 -35.15
CA GLY B 280 -22.39 -16.96 -34.13
C GLY B 280 -21.87 -16.61 -32.76
N SER B 281 -21.63 -15.32 -32.51
CA SER B 281 -21.12 -14.90 -31.21
C SER B 281 -21.72 -13.62 -30.71
N CYS B 282 -21.97 -13.59 -29.42
CA CYS B 282 -22.41 -12.38 -28.71
C CYS B 282 -21.26 -11.81 -27.84
N SER B 283 -20.02 -12.24 -28.11
CA SER B 283 -18.85 -11.82 -27.36
C SER B 283 -17.96 -10.88 -28.19
N PHE B 284 -17.00 -10.24 -27.53
CA PHE B 284 -16.06 -9.39 -28.19
C PHE B 284 -14.96 -10.28 -28.70
N GLU B 285 -15.19 -10.91 -29.87
CA GLU B 285 -14.23 -11.79 -30.51
C GLU B 285 -13.06 -10.97 -30.95
N ASP B 286 -12.00 -10.99 -30.15
CA ASP B 286 -10.82 -10.17 -30.41
C ASP B 286 -9.56 -11.01 -30.65
N GLU B 287 -9.72 -12.23 -31.13
CA GLU B 287 -8.59 -13.13 -31.31
C GLU B 287 -7.99 -13.11 -32.70
N LEU B 288 -8.64 -12.46 -33.68
CA LEU B 288 -8.13 -12.40 -35.04
C LEU B 288 -7.80 -10.97 -35.39
N THR B 289 -6.61 -10.76 -35.93
CA THR B 289 -6.15 -9.43 -36.33
C THR B 289 -6.83 -8.98 -37.64
N PRO B 290 -6.74 -7.68 -38.02
CA PRO B 290 -7.25 -7.27 -39.33
C PRO B 290 -6.66 -8.09 -40.48
N SER B 291 -5.34 -8.40 -40.43
CA SER B 291 -4.70 -9.21 -41.46
C SER B 291 -5.23 -10.63 -41.49
N ASP B 292 -5.57 -11.21 -40.30
CA ASP B 292 -6.10 -12.58 -40.23
C ASP B 292 -7.41 -12.66 -40.95
N VAL B 293 -8.32 -11.70 -40.69
CA VAL B 293 -9.63 -11.74 -41.33
C VAL B 293 -9.51 -11.37 -42.79
N TYR B 294 -8.62 -10.43 -43.15
CA TYR B 294 -8.44 -9.98 -44.51
C TYR B 294 -8.04 -11.14 -45.42
N GLN B 295 -7.19 -12.04 -44.93
CA GLN B 295 -6.76 -13.23 -45.68
C GLN B 295 -7.93 -14.20 -45.96
N GLN B 296 -8.98 -14.14 -45.14
CA GLN B 296 -10.18 -14.95 -45.28
C GLN B 296 -11.35 -14.23 -45.93
N LEU B 297 -11.13 -13.04 -46.50
CA LEU B 297 -12.20 -12.27 -47.13
C LEU B 297 -11.94 -12.03 -48.62
N ALA B 298 -12.99 -11.71 -49.37
CA ALA B 298 -12.92 -11.40 -50.79
C ALA B 298 -14.04 -10.37 -51.06
N SER C 1 1.47 14.41 -11.75
CA SER C 1 0.07 14.61 -12.05
C SER C 1 -0.84 13.91 -11.00
N GLY C 2 -2.12 13.99 -11.19
CA GLY C 2 -3.11 13.43 -10.27
C GLY C 2 -3.67 14.57 -9.44
N ILE C 3 -4.93 14.46 -9.06
CA ILE C 3 -5.56 15.49 -8.22
C ILE C 3 -6.22 14.78 -7.07
N VAL C 4 -5.90 15.19 -5.83
CA VAL C 4 -6.51 14.61 -4.64
C VAL C 4 -6.95 15.74 -3.68
N LYS C 5 -7.75 15.40 -2.67
CA LYS C 5 -8.11 16.37 -1.65
C LYS C 5 -6.96 16.30 -0.67
N MET C 6 -6.18 17.39 -0.59
CA MET C 6 -5.05 17.42 0.29
C MET C 6 -5.37 18.18 1.56
N VAL C 7 -4.91 17.67 2.68
CA VAL C 7 -5.08 18.33 3.95
C VAL C 7 -3.77 19.03 4.30
N ASN C 8 -3.88 20.06 5.10
CA ASN C 8 -2.70 20.75 5.62
C ASN C 8 -2.04 19.82 6.65
N PRO C 9 -0.73 19.90 6.85
CA PRO C 9 -0.12 19.15 7.97
C PRO C 9 -0.78 19.56 9.30
N THR C 10 -0.82 18.68 10.28
CA THR C 10 -1.51 18.90 11.54
C THR C 10 -0.60 19.25 12.73
N SER C 11 0.73 19.16 12.58
CA SER C 11 1.64 19.42 13.69
C SER C 11 1.42 20.72 14.46
N LYS C 12 1.02 21.82 13.80
CA LYS C 12 0.84 23.09 14.53
C LYS C 12 -0.46 23.10 15.34
N VAL C 13 -1.46 22.29 14.95
CA VAL C 13 -2.75 22.28 15.61
C VAL C 13 -2.89 21.19 16.70
N GLU C 14 -2.26 20.02 16.50
CA GLU C 14 -2.31 18.94 17.49
C GLU C 14 -2.00 19.37 18.94
N PRO C 15 -0.94 20.19 19.23
CA PRO C 15 -0.67 20.55 20.63
C PRO C 15 -1.63 21.57 21.23
N CYS C 16 -2.68 21.94 20.50
CA CYS C 16 -3.69 22.86 20.97
C CYS C 16 -5.00 22.15 21.29
N VAL C 17 -5.15 20.88 20.94
CA VAL C 17 -6.37 20.14 21.17
C VAL C 17 -6.44 19.70 22.62
N VAL C 18 -7.49 20.13 23.30
CA VAL C 18 -7.72 19.78 24.67
C VAL C 18 -9.12 19.17 24.79
N SER C 19 -9.37 18.57 25.94
CA SER C 19 -10.64 18.02 26.31
C SER C 19 -11.29 19.03 27.29
N VAL C 20 -12.60 19.28 27.18
CA VAL C 20 -13.30 20.20 28.09
C VAL C 20 -14.47 19.44 28.67
N THR C 21 -14.54 19.35 30.00
CA THR C 21 -15.61 18.63 30.67
C THR C 21 -16.37 19.54 31.63
N TYR C 22 -17.67 19.46 31.58
CA TYR C 22 -18.55 20.14 32.51
C TYR C 22 -19.64 19.11 32.79
N GLY C 23 -19.81 18.74 34.06
CA GLY C 23 -20.79 17.74 34.45
C GLY C 23 -20.44 16.39 33.84
N ASN C 24 -21.41 15.79 33.15
CA ASN C 24 -21.17 14.53 32.45
C ASN C 24 -20.82 14.71 30.98
N MET C 25 -20.73 15.97 30.50
CA MET C 25 -20.43 16.25 29.09
C MET C 25 -18.95 16.52 28.83
N THR C 26 -18.36 15.76 27.92
CA THR C 26 -16.99 16.00 27.49
C THR C 26 -16.98 16.27 26.00
N LEU C 27 -16.33 17.33 25.60
CA LEU C 27 -16.13 17.63 24.20
C LEU C 27 -14.68 18.16 23.99
N ASN C 28 -14.35 18.65 22.80
CA ASN C 28 -13.01 19.15 22.52
C ASN C 28 -12.93 20.66 22.61
N GLY C 29 -11.75 21.14 22.90
CA GLY C 29 -11.45 22.55 22.97
C GLY C 29 -10.18 22.86 22.19
N LEU C 30 -9.92 24.15 22.03
CA LEU C 30 -8.72 24.61 21.35
C LEU C 30 -8.04 25.55 22.33
N TRP C 31 -6.84 25.19 22.76
CA TRP C 31 -6.06 25.91 23.73
C TRP C 31 -5.02 26.75 23.01
N LEU C 32 -5.23 28.07 22.97
CA LEU C 32 -4.33 29.01 22.32
C LEU C 32 -3.95 30.03 23.37
N ASP C 33 -2.64 30.24 23.62
CA ASP C 33 -2.20 31.15 24.68
C ASP C 33 -2.80 30.69 26.03
N ASP C 34 -3.48 31.56 26.79
CA ASP C 34 -4.15 31.18 28.03
C ASP C 34 -5.69 31.06 27.82
N LYS C 35 -6.14 30.81 26.58
CA LYS C 35 -7.55 30.71 26.27
C LYS C 35 -7.91 29.33 25.76
N VAL C 36 -9.08 28.84 26.15
CA VAL C 36 -9.59 27.56 25.68
C VAL C 36 -10.95 27.83 25.06
N TYR C 37 -11.06 27.60 23.76
CA TYR C 37 -12.27 27.81 23.02
C TYR C 37 -12.97 26.47 22.92
N CYS C 38 -14.26 26.43 23.15
CA CYS C 38 -15.03 25.21 23.01
C CYS C 38 -16.51 25.53 22.78
N PRO C 39 -17.33 24.59 22.28
CA PRO C 39 -18.77 24.88 22.11
C PRO C 39 -19.44 25.14 23.47
N ARG C 40 -20.33 26.14 23.56
CA ARG C 40 -21.02 26.46 24.82
C ARG C 40 -22.02 25.39 25.26
N HIS C 41 -22.39 24.45 24.38
CA HIS C 41 -23.32 23.39 24.75
C HIS C 41 -22.70 22.36 25.72
N VAL C 42 -21.40 22.49 26.09
CA VAL C 42 -20.77 21.62 27.11
C VAL C 42 -21.46 21.85 28.49
N ILE C 43 -22.10 23.02 28.70
CA ILE C 43 -22.79 23.31 29.96
C ILE C 43 -24.27 22.86 29.99
N CYS C 44 -24.74 22.17 28.95
N CYS C 44 -24.80 22.23 28.92
CA CYS C 44 -26.10 21.66 28.86
CA CYS C 44 -26.21 21.82 28.94
C CYS C 44 -26.17 20.23 29.30
C CYS C 44 -26.39 20.29 29.02
N SER C 45 -27.30 19.85 29.92
CA SER C 45 -27.57 18.45 30.21
C SER C 45 -28.57 17.94 29.14
N ALA C 46 -28.81 16.62 29.06
CA ALA C 46 -29.75 16.06 28.08
C ALA C 46 -31.18 16.65 28.20
N SER C 47 -31.57 17.07 29.41
CA SER C 47 -32.89 17.67 29.64
C SER C 47 -32.98 19.10 29.07
N ASP C 48 -31.87 19.83 29.06
CA ASP C 48 -31.84 21.20 28.56
C ASP C 48 -31.20 21.29 27.16
N MET C 49 -31.67 20.49 26.18
CA MET C 49 -31.05 20.52 24.85
C MET C 49 -31.98 20.90 23.72
N THR C 50 -33.31 20.76 23.90
CA THR C 50 -34.26 21.13 22.86
C THR C 50 -34.31 22.65 22.69
N ASN C 51 -34.38 23.37 23.82
CA ASN C 51 -34.42 24.83 23.82
C ASN C 51 -33.60 25.33 25.00
N PRO C 52 -32.25 25.30 24.91
CA PRO C 52 -31.44 25.71 26.06
C PRO C 52 -31.42 27.22 26.28
N ASP C 53 -31.54 27.66 27.55
CA ASP C 53 -31.42 29.06 27.91
C ASP C 53 -30.02 29.17 28.44
N TYR C 54 -29.06 29.46 27.57
CA TYR C 54 -27.64 29.49 27.93
C TYR C 54 -27.28 30.58 28.94
N THR C 55 -27.94 31.74 28.93
CA THR C 55 -27.64 32.78 29.94
C THR C 55 -28.07 32.32 31.34
N ASN C 56 -29.20 31.60 31.44
CA ASN C 56 -29.67 31.04 32.70
C ASN C 56 -28.75 29.88 33.13
N LEU C 57 -28.28 29.08 32.16
CA LEU C 57 -27.36 27.96 32.39
C LEU C 57 -26.00 28.47 32.89
N LEU C 58 -25.57 29.65 32.42
CA LEU C 58 -24.31 30.27 32.81
C LEU C 58 -24.31 30.77 34.26
N CYS C 59 -25.49 31.02 34.85
CA CYS C 59 -25.62 31.46 36.25
C CYS C 59 -25.20 30.35 37.20
N ARG C 60 -25.59 29.11 36.88
CA ARG C 60 -25.26 27.95 37.69
C ARG C 60 -23.84 27.39 37.43
N VAL C 61 -23.04 28.04 36.57
CA VAL C 61 -21.70 27.57 36.24
C VAL C 61 -20.61 28.37 36.95
N THR C 62 -19.63 27.65 37.49
CA THR C 62 -18.45 28.22 38.15
C THR C 62 -17.21 27.74 37.37
N SER C 63 -16.11 28.51 37.40
CA SER C 63 -14.87 28.13 36.71
C SER C 63 -14.36 26.76 37.13
N SER C 64 -14.51 26.43 38.41
CA SER C 64 -14.09 25.15 38.98
C SER C 64 -14.88 23.95 38.39
N ASP C 65 -16.07 24.20 37.81
CA ASP C 65 -16.86 23.12 37.21
C ASP C 65 -16.22 22.58 35.90
N PHE C 66 -15.30 23.35 35.29
CA PHE C 66 -14.64 22.92 34.06
C PHE C 66 -13.36 22.14 34.33
N THR C 67 -13.22 21.00 33.66
CA THR C 67 -12.02 20.18 33.73
C THR C 67 -11.45 20.21 32.32
N VAL C 68 -10.29 20.84 32.15
CA VAL C 68 -9.66 20.97 30.85
C VAL C 68 -8.39 20.12 30.88
N LEU C 69 -8.24 19.16 29.96
CA LEU C 69 -7.07 18.31 29.96
C LEU C 69 -6.29 18.37 28.65
N PHE C 70 -4.98 18.48 28.74
CA PHE C 70 -4.12 18.39 27.57
C PHE C 70 -3.23 17.29 28.03
N ASP C 71 -3.43 16.06 27.52
CA ASP C 71 -2.68 14.88 27.91
CA ASP C 71 -2.61 14.91 27.91
C ASP C 71 -2.70 14.70 29.45
N ARG C 72 -1.59 14.88 30.19
CA ARG C 72 -1.59 14.74 31.64
C ARG C 72 -1.76 16.05 32.41
N LEU C 73 -1.74 17.18 31.71
CA LEU C 73 -1.94 18.46 32.34
C LEU C 73 -3.41 18.65 32.52
N SER C 74 -3.79 18.99 33.73
CA SER C 74 -5.14 19.40 34.04
C SER C 74 -5.01 20.91 34.21
N LEU C 75 -5.71 21.68 33.38
CA LEU C 75 -5.61 23.14 33.40
C LEU C 75 -6.61 23.79 34.34
N THR C 76 -6.21 24.92 34.93
CA THR C 76 -7.04 25.63 35.88
C THR C 76 -7.77 26.77 35.22
N VAL C 77 -9.11 26.69 35.20
CA VAL C 77 -9.92 27.76 34.62
C VAL C 77 -10.05 28.90 35.64
N MET C 78 -9.58 30.10 35.28
CA MET C 78 -9.66 31.29 36.13
C MET C 78 -11.02 31.95 35.95
N SER C 79 -11.49 32.03 34.70
CA SER C 79 -12.75 32.67 34.36
C SER C 79 -13.25 32.15 32.99
N TYR C 80 -14.49 32.49 32.63
CA TYR C 80 -15.06 32.08 31.36
C TYR C 80 -15.95 33.20 30.81
N GLN C 81 -16.12 33.19 29.50
CA GLN C 81 -16.89 34.18 28.81
C GLN C 81 -17.63 33.48 27.68
N MET C 82 -18.92 33.78 27.49
CA MET C 82 -19.68 33.22 26.40
C MET C 82 -19.65 34.21 25.24
N ARG C 83 -19.10 33.78 24.09
CA ARG C 83 -18.97 34.57 22.88
C ARG C 83 -19.77 33.83 21.80
N GLY C 84 -21.02 34.25 21.59
CA GLY C 84 -21.92 33.59 20.67
C GLY C 84 -22.24 32.19 21.18
N CYS C 85 -22.02 31.18 20.34
CA CYS C 85 -22.23 29.79 20.73
C CYS C 85 -20.94 29.10 21.17
N MET C 86 -20.01 29.86 21.68
CA MET C 86 -18.72 29.37 22.09
C MET C 86 -18.40 29.87 23.49
N LEU C 87 -17.70 29.05 24.25
CA LEU C 87 -17.18 29.44 25.54
C LEU C 87 -15.70 29.70 25.33
N VAL C 88 -15.22 30.77 25.94
CA VAL C 88 -13.81 31.13 25.95
C VAL C 88 -13.38 31.08 27.40
N LEU C 89 -12.68 30.01 27.77
CA LEU C 89 -12.22 29.82 29.13
C LEU C 89 -10.82 30.41 29.24
N THR C 90 -10.57 31.17 30.30
CA THR C 90 -9.23 31.70 30.54
C THR C 90 -8.61 30.76 31.53
N VAL C 91 -7.47 30.18 31.17
CA VAL C 91 -6.74 29.27 32.04
C VAL C 91 -5.47 29.93 32.60
N THR C 92 -4.94 29.42 33.70
CA THR C 92 -3.74 30.00 34.33
C THR C 92 -2.46 29.74 33.50
N LEU C 93 -2.47 28.69 32.66
CA LEU C 93 -1.29 28.31 31.91
C LEU C 93 -1.35 28.62 30.42
N GLN C 94 -0.31 29.29 29.94
CA GLN C 94 -0.08 29.60 28.55
C GLN C 94 0.27 28.30 27.84
N ASN C 95 -0.27 28.09 26.64
CA ASN C 95 0.08 26.94 25.84
C ASN C 95 1.37 27.32 25.17
N SER C 96 2.47 26.71 25.64
CA SER C 96 3.80 26.95 25.14
C SER C 96 3.99 26.51 23.69
N ARG C 97 3.11 25.64 23.17
CA ARG C 97 3.19 25.22 21.78
C ARG C 97 2.14 25.92 20.92
N THR C 98 1.71 27.14 21.32
CA THR C 98 0.71 27.87 20.54
C THR C 98 1.39 28.31 19.26
N PRO C 99 0.84 27.94 18.11
CA PRO C 99 1.44 28.41 16.85
C PRO C 99 1.12 29.90 16.63
N LYS C 100 1.72 30.51 15.61
CA LYS C 100 1.33 31.84 15.16
C LYS C 100 -0.06 31.61 14.56
N TYR C 101 -1.07 32.32 15.04
CA TYR C 101 -2.44 32.03 14.61
C TYR C 101 -3.28 33.26 14.39
N THR C 102 -4.33 33.08 13.64
CA THR C 102 -5.33 34.08 13.38
C THR C 102 -6.68 33.36 13.22
N PHE C 103 -7.77 34.12 13.23
CA PHE C 103 -9.08 33.60 13.04
C PHE C 103 -9.61 34.09 11.70
N GLY C 104 -10.36 33.23 11.03
CA GLY C 104 -10.96 33.58 9.76
C GLY C 104 -12.36 33.04 9.64
N VAL C 105 -13.08 33.46 8.61
CA VAL C 105 -14.43 32.99 8.36
C VAL C 105 -14.44 32.58 6.91
N VAL C 106 -14.66 31.28 6.62
CA VAL C 106 -14.67 30.81 5.25
C VAL C 106 -16.00 31.13 4.56
N LYS C 107 -15.94 31.26 3.25
CA LYS C 107 -17.12 31.53 2.44
C LYS C 107 -17.49 30.25 1.69
N PRO C 108 -18.72 30.12 1.13
CA PRO C 108 -19.04 28.93 0.34
C PRO C 108 -18.04 28.71 -0.80
N GLY C 109 -17.61 27.47 -0.97
CA GLY C 109 -16.63 27.12 -1.98
C GLY C 109 -15.24 26.97 -1.40
N GLU C 110 -14.97 27.65 -0.28
CA GLU C 110 -13.65 27.58 0.35
C GLU C 110 -13.43 26.29 1.11
N THR C 111 -12.20 25.82 1.10
CA THR C 111 -11.83 24.58 1.73
C THR C 111 -10.96 24.79 2.96
N PHE C 112 -10.91 23.79 3.81
CA PHE C 112 -10.10 23.81 5.00
C PHE C 112 -9.92 22.37 5.52
N THR C 113 -8.99 22.21 6.48
CA THR C 113 -8.70 20.94 7.06
C THR C 113 -9.38 20.84 8.41
N VAL C 114 -10.04 19.72 8.68
CA VAL C 114 -10.63 19.48 9.98
C VAL C 114 -9.73 18.49 10.68
N LEU C 115 -9.34 18.79 11.92
CA LEU C 115 -8.58 17.87 12.73
C LEU C 115 -9.64 17.26 13.67
N ALA C 116 -10.15 16.10 13.30
CA ALA C 116 -11.17 15.42 14.11
C ALA C 116 -10.54 14.98 15.41
N ALA C 117 -11.24 15.23 16.52
CA ALA C 117 -10.76 14.84 17.84
C ALA C 117 -11.90 14.24 18.67
N TYR C 118 -11.56 13.33 19.59
CA TYR C 118 -12.47 12.74 20.55
C TYR C 118 -11.77 12.74 21.90
N ASN C 119 -12.45 13.20 22.95
CA ASN C 119 -11.90 13.28 24.30
C ASN C 119 -10.56 14.04 24.33
N GLY C 120 -10.44 15.07 23.52
CA GLY C 120 -9.23 15.88 23.42
C GLY C 120 -8.08 15.21 22.68
N LYS C 121 -8.33 14.11 22.00
CA LYS C 121 -7.31 13.38 21.27
C LYS C 121 -7.55 13.46 19.77
N PRO C 122 -6.61 14.03 19.00
CA PRO C 122 -6.78 14.07 17.54
C PRO C 122 -6.81 12.63 16.99
N GLN C 123 -7.76 12.33 16.11
CA GLN C 123 -7.89 11.00 15.53
CA GLN C 123 -7.95 11.01 15.51
C GLN C 123 -7.37 10.97 14.09
N GLY C 124 -7.59 12.04 13.36
CA GLY C 124 -7.14 12.18 12.00
C GLY C 124 -7.59 13.51 11.44
N ALA C 125 -7.29 13.73 10.18
CA ALA C 125 -7.64 14.98 9.50
C ALA C 125 -8.32 14.72 8.19
N PHE C 126 -9.18 15.63 7.74
CA PHE C 126 -9.84 15.49 6.46
C PHE C 126 -10.13 16.83 5.84
N HIS C 127 -10.19 16.87 4.52
CA HIS C 127 -10.45 18.03 3.69
C HIS C 127 -11.93 18.25 3.60
N VAL C 128 -12.38 19.50 3.75
CA VAL C 128 -13.79 19.81 3.61
C VAL C 128 -13.96 21.08 2.77
N THR C 129 -15.15 21.24 2.19
CA THR C 129 -15.49 22.38 1.40
C THR C 129 -16.72 22.99 2.04
N MET C 130 -16.71 24.29 2.31
CA MET C 130 -17.88 24.95 2.86
C MET C 130 -18.91 25.05 1.74
N ARG C 131 -20.12 24.55 1.96
CA ARG C 131 -21.14 24.57 0.90
C ARG C 131 -21.94 25.86 0.94
N SER C 132 -22.72 26.15 -0.10
CA SER C 132 -23.62 27.32 -0.07
C SER C 132 -24.70 27.13 0.99
N SER C 133 -24.95 25.86 1.43
CA SER C 133 -25.86 25.57 2.53
C SER C 133 -25.23 25.88 3.89
N TYR C 134 -23.95 26.32 3.92
CA TYR C 134 -23.18 26.62 5.14
C TYR C 134 -23.01 25.43 6.02
N THR C 135 -22.76 24.30 5.39
CA THR C 135 -22.48 23.04 6.01
C THR C 135 -21.25 22.44 5.32
N ILE C 136 -20.66 21.44 5.93
CA ILE C 136 -19.56 20.68 5.38
C ILE C 136 -19.97 19.20 5.40
N LYS C 137 -19.34 18.40 4.55
CA LYS C 137 -19.62 16.97 4.49
C LYS C 137 -18.47 16.35 5.23
N GLY C 138 -18.60 16.21 6.53
CA GLY C 138 -17.54 15.67 7.34
C GLY C 138 -17.83 14.28 7.85
N SER C 139 -17.09 13.88 8.87
CA SER C 139 -17.31 12.61 9.52
C SER C 139 -17.11 12.92 10.98
N PHE C 140 -18.21 12.96 11.72
CA PHE C 140 -18.19 13.33 13.11
C PHE C 140 -19.16 12.51 13.88
N LEU C 141 -18.73 11.91 14.96
CA LEU C 141 -19.61 11.17 15.85
C LEU C 141 -19.77 12.01 17.11
N CYS C 142 -20.61 11.53 18.05
CA CYS C 142 -20.81 12.22 19.32
C CYS C 142 -19.50 12.24 20.08
N GLY C 143 -19.11 13.41 20.55
CA GLY C 143 -17.83 13.59 21.21
C GLY C 143 -16.84 14.38 20.35
N SER C 144 -17.12 14.54 19.03
CA SER C 144 -16.26 15.27 18.12
C SER C 144 -16.47 16.77 18.14
N CYS C 145 -17.53 17.27 18.81
CA CYS C 145 -17.81 18.71 18.95
C CYS C 145 -16.60 19.38 19.52
N GLY C 146 -16.25 20.53 18.98
CA GLY C 146 -15.05 21.22 19.40
C GLY C 146 -13.85 20.90 18.52
N SER C 147 -13.97 19.92 17.57
CA SER C 147 -12.92 19.64 16.59
C SER C 147 -12.79 20.91 15.71
N VAL C 148 -11.55 21.28 15.35
CA VAL C 148 -11.37 22.52 14.64
C VAL C 148 -11.00 22.33 13.17
N GLY C 149 -11.40 23.31 12.39
CA GLY C 149 -11.10 23.44 11.00
C GLY C 149 -10.15 24.60 10.87
N TYR C 150 -9.14 24.45 10.01
CA TYR C 150 -8.13 25.46 9.84
C TYR C 150 -7.50 25.40 8.47
N VAL C 151 -6.84 26.49 8.06
CA VAL C 151 -5.98 26.55 6.89
C VAL C 151 -4.61 27.06 7.39
N ILE C 152 -3.55 26.75 6.66
CA ILE C 152 -2.23 27.19 7.00
C ILE C 152 -1.69 28.08 5.92
N MET C 153 -1.14 29.25 6.28
CA MET C 153 -0.49 30.18 5.37
C MET C 153 0.90 30.39 5.94
N GLY C 154 1.89 29.69 5.40
CA GLY C 154 3.25 29.75 5.92
C GLY C 154 3.31 29.23 7.34
N ASP C 155 3.84 30.02 8.26
CA ASP C 155 3.89 29.66 9.67
C ASP C 155 2.61 30.00 10.43
N CYS C 156 1.61 30.64 9.75
CA CYS C 156 0.34 31.11 10.33
C CYS C 156 -0.82 30.12 10.23
N VAL C 157 -1.42 29.76 11.37
CA VAL C 157 -2.59 28.89 11.35
C VAL C 157 -3.81 29.76 11.38
N LYS C 158 -4.67 29.64 10.41
CA LYS C 158 -5.91 30.38 10.41
C LYS C 158 -7.02 29.44 10.82
N PHE C 159 -7.54 29.60 12.04
CA PHE C 159 -8.63 28.78 12.54
C PHE C 159 -9.94 29.33 12.02
N VAL C 160 -10.76 28.48 11.36
CA VAL C 160 -11.99 28.95 10.75
C VAL C 160 -13.26 28.26 11.19
N TYR C 161 -13.16 27.14 11.90
CA TYR C 161 -14.33 26.35 12.20
C TYR C 161 -14.19 25.59 13.49
N MET C 162 -15.29 25.50 14.23
CA MET C 162 -15.34 24.67 15.42
C MET C 162 -16.59 23.87 15.26
N HIS C 163 -16.47 22.54 15.25
CA HIS C 163 -17.59 21.65 15.05
C HIS C 163 -18.62 21.69 16.17
N GLN C 164 -19.90 21.79 15.80
CA GLN C 164 -20.97 21.85 16.78
C GLN C 164 -22.15 20.95 16.48
N LEU C 165 -22.56 20.86 15.20
CA LEU C 165 -23.80 20.21 14.86
C LEU C 165 -23.75 19.21 13.77
N GLU C 166 -24.65 18.23 13.88
CA GLU C 166 -24.93 17.36 12.77
C GLU C 166 -26.37 17.70 12.40
N LEU C 167 -26.59 18.30 11.25
CA LEU C 167 -27.93 18.68 10.83
C LEU C 167 -28.73 17.56 10.24
N SER C 168 -28.04 16.69 9.54
CA SER C 168 -28.64 15.58 8.85
C SER C 168 -27.52 14.58 8.58
N THR C 169 -27.83 13.36 8.14
CA THR C 169 -26.80 12.36 7.83
C THR C 169 -25.66 12.92 6.96
N GLY C 170 -24.47 12.91 7.51
CA GLY C 170 -23.28 13.37 6.79
C GLY C 170 -23.23 14.85 6.51
N CYS C 171 -24.11 15.63 7.14
CA CYS C 171 -24.17 17.09 6.93
CA CYS C 171 -24.18 17.06 6.92
C CYS C 171 -23.91 17.77 8.24
N HIS C 172 -22.78 18.49 8.32
CA HIS C 172 -22.36 19.10 9.56
C HIS C 172 -22.16 20.59 9.50
N THR C 173 -22.27 21.26 10.64
CA THR C 173 -21.99 22.69 10.70
C THR C 173 -21.40 23.04 12.06
N GLY C 174 -20.89 24.24 12.16
CA GLY C 174 -20.26 24.73 13.37
C GLY C 174 -20.14 26.23 13.33
N THR C 175 -19.32 26.77 14.20
CA THR C 175 -19.17 28.20 14.30
C THR C 175 -17.79 28.64 13.84
N ASP C 176 -17.64 29.94 13.61
CA ASP C 176 -16.34 30.54 13.38
C ASP C 176 -15.79 30.87 14.81
N PHE C 177 -14.60 31.48 14.91
CA PHE C 177 -14.02 31.78 16.21
C PHE C 177 -14.49 33.12 16.82
N ASN C 178 -15.55 33.70 16.25
CA ASN C 178 -16.29 34.76 16.90
C ASN C 178 -17.53 34.14 17.65
N GLY C 179 -17.74 32.81 17.54
CA GLY C 179 -18.87 32.12 18.13
C GLY C 179 -20.12 32.16 17.27
N ASP C 180 -20.02 32.68 16.03
CA ASP C 180 -21.16 32.75 15.14
C ASP C 180 -21.23 31.50 14.29
N PHE C 181 -22.42 30.93 14.19
CA PHE C 181 -22.61 29.77 13.34
C PHE C 181 -22.46 30.15 11.89
N TYR C 182 -22.00 29.21 11.07
CA TYR C 182 -22.04 29.36 9.64
C TYR C 182 -23.51 29.11 9.29
N GLY C 183 -24.11 30.01 8.53
CA GLY C 183 -25.50 29.88 8.17
C GLY C 183 -26.42 30.30 9.29
N PRO C 184 -27.71 30.03 9.13
CA PRO C 184 -28.68 30.44 10.15
C PRO C 184 -28.90 29.40 11.23
N TYR C 185 -27.99 28.45 11.37
CA TYR C 185 -28.14 27.34 12.28
C TYR C 185 -27.93 27.72 13.74
N LYS C 186 -28.49 26.94 14.64
CA LYS C 186 -28.41 27.21 16.05
C LYS C 186 -28.03 25.97 16.84
N ASP C 187 -27.44 26.17 18.03
CA ASP C 187 -27.08 25.05 18.87
C ASP C 187 -28.26 24.59 19.72
N ALA C 188 -29.23 23.97 19.08
CA ALA C 188 -30.36 23.37 19.75
C ALA C 188 -30.64 22.01 19.09
N GLN C 189 -31.03 21.01 19.88
CA GLN C 189 -31.33 19.69 19.36
C GLN C 189 -32.76 19.67 18.82
N VAL C 190 -32.98 20.43 17.77
CA VAL C 190 -34.25 20.55 17.07
C VAL C 190 -33.95 20.29 15.58
N VAL C 191 -34.95 19.84 14.79
CA VAL C 191 -34.72 19.60 13.37
C VAL C 191 -34.49 20.94 12.67
N GLN C 192 -33.37 21.07 11.95
CA GLN C 192 -33.04 22.29 11.24
C GLN C 192 -32.88 22.00 9.77
N LEU C 193 -33.70 22.63 8.94
CA LEU C 193 -33.62 22.41 7.51
C LEU C 193 -32.39 23.15 6.95
N LEU C 194 -31.86 22.63 5.88
CA LEU C 194 -30.67 23.17 5.26
C LEU C 194 -30.95 24.27 4.28
N ILE C 195 -30.02 25.23 4.22
CA ILE C 195 -30.03 26.30 3.26
C ILE C 195 -29.77 25.69 1.90
N GLN C 196 -30.31 26.31 0.86
CA GLN C 196 -30.14 25.87 -0.51
C GLN C 196 -28.65 25.79 -0.90
N ASP C 197 -28.24 24.68 -1.49
CA ASP C 197 -26.88 24.52 -1.96
C ASP C 197 -26.83 24.73 -3.49
N TYR C 198 -25.64 24.93 -4.01
CA TYR C 198 -25.39 25.14 -5.43
C TYR C 198 -24.09 24.43 -5.77
N ILE C 199 -23.84 24.28 -7.08
CA ILE C 199 -22.55 23.77 -7.51
C ILE C 199 -21.59 24.95 -7.39
N GLN C 200 -20.48 24.78 -6.70
CA GLN C 200 -19.50 25.86 -6.53
C GLN C 200 -18.76 26.02 -7.83
N SER C 201 -19.23 26.96 -8.68
CA SER C 201 -18.73 27.17 -10.05
C SER C 201 -17.23 27.35 -10.18
N VAL C 202 -16.60 28.21 -9.38
CA VAL C 202 -15.16 28.44 -9.51
C VAL C 202 -14.35 27.19 -9.13
N ASN C 203 -14.88 26.33 -8.28
CA ASN C 203 -14.24 25.07 -7.91
C ASN C 203 -14.32 24.08 -9.06
N PHE C 204 -15.43 24.06 -9.78
CA PHE C 204 -15.56 23.20 -10.96
C PHE C 204 -14.66 23.73 -12.08
N VAL C 205 -14.49 25.06 -12.19
CA VAL C 205 -13.56 25.67 -13.15
C VAL C 205 -12.14 25.21 -12.79
N ALA C 206 -11.79 25.18 -11.49
CA ALA C 206 -10.49 24.69 -11.02
C ALA C 206 -10.29 23.24 -11.44
N TRP C 207 -11.35 22.41 -11.32
CA TRP C 207 -11.33 21.01 -11.72
C TRP C 207 -11.08 20.90 -13.22
N LEU C 208 -11.70 21.76 -14.03
CA LEU C 208 -11.47 21.76 -15.48
C LEU C 208 -10.04 22.19 -15.81
N TYR C 209 -9.48 23.20 -15.11
CA TYR C 209 -8.09 23.62 -15.34
C TYR C 209 -7.15 22.48 -14.99
N ALA C 210 -7.40 21.80 -13.84
CA ALA C 210 -6.60 20.65 -13.40
C ALA C 210 -6.70 19.54 -14.42
N ALA C 211 -7.88 19.31 -14.99
CA ALA C 211 -8.08 18.29 -16.02
C ALA C 211 -7.25 18.61 -17.26
N ILE C 212 -7.20 19.88 -17.70
CA ILE C 212 -6.40 20.27 -18.88
C ILE C 212 -4.93 19.91 -18.65
N LEU C 213 -4.44 20.10 -17.43
CA LEU C 213 -3.06 19.75 -17.09
C LEU C 213 -2.86 18.26 -16.72
N ASN C 214 -3.94 17.48 -16.73
CA ASN C 214 -3.93 16.04 -16.48
C ASN C 214 -4.40 15.30 -17.71
N ASN C 215 -3.98 15.79 -18.91
CA ASN C 215 -4.25 15.24 -20.21
C ASN C 215 -5.72 15.03 -20.52
N CYS C 216 -6.57 16.03 -20.23
CA CYS C 216 -8.02 15.94 -20.46
C CYS C 216 -8.56 17.32 -20.84
N ASN C 217 -8.87 17.55 -22.11
CA ASN C 217 -9.34 18.85 -22.56
C ASN C 217 -10.45 18.81 -23.59
N TRP C 218 -11.12 17.66 -23.74
CA TRP C 218 -12.16 17.49 -24.75
C TRP C 218 -13.29 18.53 -24.66
N PHE C 219 -13.52 19.06 -23.46
CA PHE C 219 -14.56 20.05 -23.19
C PHE C 219 -14.17 21.45 -23.66
N VAL C 220 -12.90 21.68 -24.04
CA VAL C 220 -12.46 22.99 -24.49
C VAL C 220 -12.87 23.20 -25.93
N GLN C 221 -13.62 24.27 -26.18
CA GLN C 221 -14.09 24.65 -27.51
C GLN C 221 -13.84 26.15 -27.76
N SER C 222 -14.10 26.64 -28.98
CA SER C 222 -13.88 28.04 -29.31
C SER C 222 -14.90 28.99 -28.69
N ASP C 223 -16.07 28.50 -28.24
CA ASP C 223 -17.07 29.40 -27.65
C ASP C 223 -16.63 29.93 -26.29
N LYS C 224 -17.03 31.16 -26.02
CA LYS C 224 -16.68 31.86 -24.80
C LYS C 224 -17.92 32.46 -24.19
N CYS C 225 -17.99 32.48 -22.87
CA CYS C 225 -19.10 33.07 -22.16
C CYS C 225 -18.49 33.96 -21.08
N SER C 226 -18.85 35.25 -21.08
CA SER C 226 -18.31 36.18 -20.10
C SER C 226 -18.78 35.80 -18.68
N VAL C 227 -18.09 36.33 -17.66
CA VAL C 227 -18.45 36.11 -16.26
C VAL C 227 -19.87 36.62 -16.02
N GLU C 228 -20.18 37.82 -16.55
CA GLU C 228 -21.48 38.47 -16.45
C GLU C 228 -22.58 37.59 -17.04
N ASP C 229 -22.37 37.08 -18.25
CA ASP C 229 -23.36 36.23 -18.90
C ASP C 229 -23.51 34.89 -18.22
N PHE C 230 -22.40 34.33 -17.69
CA PHE C 230 -22.47 33.05 -16.97
C PHE C 230 -23.28 33.22 -15.72
N ASN C 231 -23.06 34.32 -14.99
CA ASN C 231 -23.70 34.59 -13.73
C ASN C 231 -25.21 34.74 -13.85
N VAL C 232 -25.70 35.23 -15.00
CA VAL C 232 -27.14 35.31 -15.23
C VAL C 232 -27.69 33.89 -15.47
N TRP C 233 -27.00 33.12 -16.32
CA TRP C 233 -27.36 31.74 -16.61
C TRP C 233 -27.36 30.88 -15.32
N ALA C 234 -26.34 31.04 -14.48
CA ALA C 234 -26.12 30.33 -13.25
C ALA C 234 -27.36 30.35 -12.34
N LEU C 235 -28.01 31.52 -12.24
CA LEU C 235 -29.21 31.75 -11.40
C LEU C 235 -30.28 30.71 -11.58
N SER C 236 -30.49 30.27 -12.82
CA SER C 236 -31.52 29.29 -13.12
C SER C 236 -31.01 27.88 -13.40
N ASN C 237 -29.69 27.64 -13.25
CA ASN C 237 -29.13 26.33 -13.55
C ASN C 237 -28.39 25.64 -12.37
N GLY C 238 -28.61 26.10 -11.15
CA GLY C 238 -28.03 25.47 -9.96
C GLY C 238 -26.53 25.67 -9.75
N PHE C 239 -25.98 26.73 -10.33
CA PHE C 239 -24.57 27.04 -10.19
C PHE C 239 -24.42 28.32 -9.40
N SER C 240 -23.35 28.41 -8.63
CA SER C 240 -23.08 29.62 -7.87
C SER C 240 -22.49 30.70 -8.79
N GLN C 241 -22.49 31.96 -8.31
CA GLN C 241 -21.92 33.09 -9.04
C GLN C 241 -20.39 32.94 -9.11
N VAL C 242 -19.81 33.29 -10.25
CA VAL C 242 -18.39 33.22 -10.53
C VAL C 242 -17.77 34.59 -10.37
N LYS C 243 -16.59 34.62 -9.82
CA LYS C 243 -15.79 35.81 -9.62
C LYS C 243 -14.38 35.39 -10.01
N SER C 244 -13.74 36.09 -10.95
CA SER C 244 -12.38 35.73 -11.35
C SER C 244 -11.39 36.01 -10.22
N ASP C 245 -10.23 35.39 -10.28
CA ASP C 245 -9.24 35.49 -9.21
C ASP C 245 -7.84 35.47 -9.79
N LEU C 246 -6.83 35.91 -9.02
CA LEU C 246 -5.45 35.83 -9.48
C LEU C 246 -5.00 34.39 -9.70
N VAL C 247 -5.57 33.42 -8.96
CA VAL C 247 -5.24 32.00 -9.15
C VAL C 247 -5.87 31.48 -10.43
N ILE C 248 -7.12 31.88 -10.72
CA ILE C 248 -7.78 31.54 -11.99
C ILE C 248 -6.95 32.13 -13.16
N ASP C 249 -6.40 33.35 -12.99
CA ASP C 249 -5.56 33.98 -14.01
C ASP C 249 -4.25 33.20 -14.19
N ALA C 250 -3.67 32.69 -13.10
CA ALA C 250 -2.45 31.89 -13.19
C ALA C 250 -2.75 30.57 -13.91
N LEU C 251 -3.89 29.93 -13.59
CA LEU C 251 -4.31 28.69 -14.23
C LEU C 251 -4.57 28.91 -15.72
N ALA C 252 -5.16 30.08 -16.08
CA ALA C 252 -5.41 30.46 -17.47
C ALA C 252 -4.10 30.64 -18.21
N SER C 253 -3.09 31.21 -17.56
CA SER C 253 -1.79 31.43 -18.18
C SER C 253 -1.04 30.10 -18.34
N MET C 254 -1.17 29.17 -17.38
CA MET C 254 -0.50 27.87 -17.44
C MET C 254 -1.07 26.97 -18.56
N THR C 255 -2.37 27.05 -18.77
CA THR C 255 -3.02 26.21 -19.79
C THR C 255 -3.24 26.92 -21.12
N GLY C 256 -3.20 28.25 -21.12
CA GLY C 256 -3.53 29.03 -22.30
C GLY C 256 -5.02 29.04 -22.56
N VAL C 257 -5.85 28.64 -21.58
CA VAL C 257 -7.29 28.58 -21.72
C VAL C 257 -7.95 29.63 -20.83
N SER C 258 -8.73 30.54 -21.40
CA SER C 258 -9.35 31.60 -20.62
C SER C 258 -10.51 31.09 -19.76
N LEU C 259 -10.85 31.85 -18.72
CA LEU C 259 -11.97 31.53 -17.84
C LEU C 259 -13.26 31.45 -18.65
N GLU C 260 -13.46 32.40 -19.58
CA GLU C 260 -14.63 32.47 -20.45
C GLU C 260 -14.80 31.22 -21.30
N THR C 261 -13.70 30.59 -21.71
CA THR C 261 -13.75 29.34 -22.46
C THR C 261 -14.33 28.24 -21.58
N LEU C 262 -13.91 28.18 -20.31
CA LEU C 262 -14.42 27.17 -19.38
C LEU C 262 -15.84 27.46 -18.90
N LEU C 263 -16.23 28.74 -18.85
CA LEU C 263 -17.61 29.08 -18.47
C LEU C 263 -18.57 28.63 -19.56
N ALA C 264 -18.17 28.76 -20.83
CA ALA C 264 -18.95 28.25 -21.95
C ALA C 264 -19.00 26.72 -21.90
N ALA C 265 -17.88 26.07 -21.53
CA ALA C 265 -17.82 24.61 -21.39
C ALA C 265 -18.76 24.10 -20.29
N ILE C 266 -18.87 24.83 -19.16
CA ILE C 266 -19.77 24.43 -18.07
C ILE C 266 -21.22 24.38 -18.55
N LYS C 267 -21.64 25.42 -19.29
CA LYS C 267 -23.00 25.46 -19.83
C LYS C 267 -23.31 24.28 -20.74
N ARG C 268 -22.33 23.83 -21.54
CA ARG C 268 -22.51 22.66 -22.40
C ARG C 268 -22.57 21.40 -21.54
N LEU C 269 -21.68 21.30 -20.53
CA LEU C 269 -21.62 20.15 -19.63
C LEU C 269 -22.88 19.99 -18.80
N LYS C 270 -23.59 21.10 -18.50
CA LYS C 270 -24.84 21.07 -17.76
C LYS C 270 -25.88 20.19 -18.45
N ASN C 271 -25.93 20.19 -19.81
CA ASN C 271 -26.87 19.30 -20.49
C ASN C 271 -26.28 17.92 -20.83
N GLY C 272 -25.25 17.49 -20.11
CA GLY C 272 -24.67 16.18 -20.29
C GLY C 272 -23.23 16.12 -20.73
N PHE C 273 -22.47 15.19 -20.15
CA PHE C 273 -21.07 14.94 -20.52
C PHE C 273 -20.97 13.95 -21.70
N GLN C 274 -22.09 13.28 -22.07
CA GLN C 274 -22.19 12.27 -23.13
C GLN C 274 -21.33 11.06 -22.81
N GLY C 275 -21.33 10.65 -21.53
CA GLY C 275 -20.52 9.51 -21.06
C GLY C 275 -19.02 9.75 -21.01
N ARG C 276 -18.60 11.03 -21.19
CA ARG C 276 -17.19 11.39 -21.22
C ARG C 276 -16.68 11.92 -19.87
N GLN C 277 -15.66 11.26 -19.32
CA GLN C 277 -15.16 11.63 -18.02
C GLN C 277 -14.14 12.74 -18.04
N ILE C 278 -14.08 13.47 -16.95
CA ILE C 278 -13.10 14.50 -16.72
C ILE C 278 -12.42 14.02 -15.46
N MET C 279 -11.20 13.47 -15.59
CA MET C 279 -10.44 12.90 -14.49
C MET C 279 -11.23 11.87 -13.69
N GLY C 280 -11.83 10.93 -14.40
CA GLY C 280 -12.57 9.84 -13.81
C GLY C 280 -13.94 10.18 -13.28
N SER C 281 -14.48 11.34 -13.68
CA SER C 281 -15.77 11.76 -13.18
C SER C 281 -16.63 12.39 -14.24
N CYS C 282 -17.93 12.08 -14.18
CA CYS C 282 -18.94 12.73 -15.03
C CYS C 282 -19.79 13.70 -14.20
N SER C 283 -19.33 14.10 -13.02
CA SER C 283 -20.04 14.98 -12.11
C SER C 283 -19.38 16.35 -12.06
N PHE C 284 -20.10 17.33 -11.49
CA PHE C 284 -19.57 18.64 -11.29
C PHE C 284 -18.75 18.61 -10.01
N GLU C 285 -17.50 18.15 -10.10
CA GLU C 285 -16.57 18.07 -8.99
C GLU C 285 -16.24 19.47 -8.56
N ASP C 286 -16.86 19.94 -7.50
CA ASP C 286 -16.71 21.31 -7.03
C ASP C 286 -16.14 21.40 -5.61
N GLU C 287 -15.38 20.40 -5.16
CA GLU C 287 -14.83 20.39 -3.82
C GLU C 287 -13.43 20.96 -3.69
N LEU C 288 -12.72 21.21 -4.79
CA LEU C 288 -11.38 21.77 -4.73
C LEU C 288 -11.37 23.18 -5.32
N THR C 289 -10.80 24.13 -4.60
CA THR C 289 -10.74 25.51 -5.05
C THR C 289 -9.66 25.70 -6.12
N PRO C 290 -9.60 26.86 -6.80
CA PRO C 290 -8.48 27.12 -7.72
C PRO C 290 -7.10 27.00 -7.05
N SER C 291 -6.97 27.48 -5.80
CA SER C 291 -5.70 27.41 -5.06
C SER C 291 -5.33 25.98 -4.74
N ASP C 292 -6.33 25.13 -4.41
CA ASP C 292 -6.04 23.73 -4.08
C ASP C 292 -5.50 23.00 -5.30
N VAL C 293 -6.11 23.19 -6.48
CA VAL C 293 -5.61 22.51 -7.68
C VAL C 293 -4.28 23.12 -8.12
N TYR C 294 -4.11 24.44 -7.98
CA TYR C 294 -2.88 25.14 -8.34
C TYR C 294 -1.68 24.55 -7.58
N GLN C 295 -1.86 24.26 -6.29
CA GLN C 295 -0.81 23.66 -5.47
C GLN C 295 -0.39 22.28 -5.96
N GLN C 296 -1.29 21.58 -6.67
CA GLN C 296 -1.05 20.25 -7.22
C GLN C 296 -0.66 20.23 -8.71
N LEU C 297 -0.57 21.39 -9.34
CA LEU C 297 -0.21 21.50 -10.76
C LEU C 297 1.13 22.22 -10.91
N ALA C 298 1.32 23.27 -10.12
CA ALA C 298 2.55 24.05 -10.14
C ALA C 298 3.43 23.57 -8.98
N SER D 1 -1.29 0.96 40.36
CA SER D 1 0.11 0.75 40.69
C SER D 1 0.52 -0.73 40.56
N GLY D 2 1.79 -1.01 40.83
CA GLY D 2 2.37 -2.33 40.66
C GLY D 2 3.07 -2.41 39.33
N ILE D 3 4.13 -3.21 39.23
CA ILE D 3 4.89 -3.38 37.99
C ILE D 3 5.10 -4.87 37.78
N VAL D 4 4.73 -5.39 36.62
CA VAL D 4 4.89 -6.81 36.28
C VAL D 4 5.45 -6.93 34.85
N LYS D 5 5.92 -8.13 34.48
CA LYS D 5 6.33 -8.38 33.11
C LYS D 5 5.06 -8.73 32.37
N MET D 6 4.66 -7.86 31.46
CA MET D 6 3.43 -8.07 30.72
C MET D 6 3.70 -8.63 29.36
N VAL D 7 2.90 -9.59 28.93
CA VAL D 7 3.01 -10.13 27.60
C VAL D 7 1.94 -9.47 26.74
N ASN D 8 2.19 -9.38 25.44
CA ASN D 8 1.18 -8.87 24.51
C ASN D 8 0.11 -9.95 24.39
N PRO D 9 -1.15 -9.62 24.13
CA PRO D 9 -2.16 -10.68 23.87
C PRO D 9 -1.70 -11.59 22.71
N THR D 10 -2.13 -12.84 22.69
CA THR D 10 -1.67 -13.83 21.71
C THR D 10 -2.65 -14.11 20.58
N SER D 11 -3.89 -13.58 20.64
CA SER D 11 -4.89 -13.89 19.62
C SER D 11 -4.46 -13.66 18.17
N LYS D 12 -3.65 -12.64 17.87
CA LYS D 12 -3.23 -12.43 16.47
C LYS D 12 -2.16 -13.40 16.00
N VAL D 13 -1.40 -14.00 16.93
CA VAL D 13 -0.33 -14.93 16.58
C VAL D 13 -0.73 -16.39 16.63
N GLU D 14 -1.64 -16.78 17.55
CA GLU D 14 -2.08 -18.18 17.63
C GLU D 14 -2.54 -18.77 16.31
N PRO D 15 -3.37 -18.08 15.44
CA PRO D 15 -3.77 -18.70 14.17
C PRO D 15 -2.67 -18.82 13.12
N CYS D 16 -1.43 -18.42 13.47
CA CYS D 16 -0.31 -18.51 12.54
C CYS D 16 0.65 -19.65 12.91
N VAL D 17 0.48 -20.26 14.10
CA VAL D 17 1.36 -21.30 14.55
C VAL D 17 1.01 -22.59 13.85
N VAL D 18 2.00 -23.16 13.16
CA VAL D 18 1.82 -24.41 12.48
C VAL D 18 2.92 -25.37 12.94
N SER D 19 2.76 -26.62 12.58
CA SER D 19 3.70 -27.68 12.82
C SER D 19 4.39 -27.92 11.45
N VAL D 20 5.70 -28.16 11.44
CA VAL D 20 6.43 -28.44 10.20
C VAL D 20 7.19 -29.74 10.41
N THR D 21 6.93 -30.74 9.56
CA THR D 21 7.59 -32.03 9.66
C THR D 21 8.35 -32.37 8.41
N TYR D 22 9.55 -32.87 8.59
CA TYR D 22 10.40 -33.39 7.53
C TYR D 22 11.06 -34.60 8.14
N GLY D 23 10.86 -35.76 7.53
CA GLY D 23 11.39 -37.02 8.04
C GLY D 23 10.85 -37.33 9.41
N ASN D 24 11.72 -37.56 10.37
CA ASN D 24 11.32 -37.80 11.76
C ASN D 24 11.29 -36.55 12.64
N MET D 25 11.64 -35.38 12.08
CA MET D 25 11.71 -34.13 12.83
C MET D 25 10.45 -33.29 12.70
N THR D 26 9.88 -32.91 13.85
CA THR D 26 8.75 -32.00 13.87
C THR D 26 9.12 -30.80 14.73
N LEU D 27 8.92 -29.61 14.19
CA LEU D 27 9.12 -28.38 14.95
C LEU D 27 7.99 -27.40 14.62
N ASN D 28 8.07 -26.16 15.10
CA ASN D 28 7.02 -25.18 14.83
C ASN D 28 7.38 -24.28 13.68
N GLY D 29 6.35 -23.74 13.07
CA GLY D 29 6.46 -22.78 11.97
C GLY D 29 5.52 -21.61 12.17
N LEU D 30 5.68 -20.59 11.35
CA LEU D 30 4.82 -19.43 11.39
C LEU D 30 4.26 -19.26 9.99
N TRP D 31 2.94 -19.36 9.86
CA TRP D 31 2.22 -19.30 8.60
C TRP D 31 1.63 -17.90 8.43
N LEU D 32 2.22 -17.13 7.52
CA LEU D 32 1.81 -15.75 7.22
C LEU D 32 1.55 -15.70 5.75
N ASP D 33 0.35 -15.28 5.31
CA ASP D 33 -0.02 -15.28 3.89
C ASP D 33 0.13 -16.71 3.35
N ASP D 34 0.87 -16.92 2.25
CA ASP D 34 1.13 -18.25 1.72
C ASP D 34 2.55 -18.72 2.05
N LYS D 35 3.16 -18.20 3.13
CA LYS D 35 4.52 -18.56 3.52
C LYS D 35 4.55 -19.20 4.89
N VAL D 36 5.42 -20.19 5.07
CA VAL D 36 5.63 -20.84 6.34
C VAL D 36 7.10 -20.73 6.68
N TYR D 37 7.39 -20.03 7.76
CA TYR D 37 8.74 -19.81 8.23
C TYR D 37 9.03 -20.80 9.32
N CYS D 38 10.19 -21.45 9.27
CA CYS D 38 10.57 -22.40 10.29
C CYS D 38 12.10 -22.54 10.34
N PRO D 39 12.70 -23.05 11.45
CA PRO D 39 14.15 -23.25 11.47
C PRO D 39 14.58 -24.26 10.38
N ARG D 40 15.73 -24.02 9.74
CA ARG D 40 16.19 -24.94 8.70
C ARG D 40 16.62 -26.30 9.21
N HIS D 41 16.91 -26.43 10.52
CA HIS D 41 17.35 -27.71 11.05
C HIS D 41 16.25 -28.79 10.99
N VAL D 42 15.00 -28.44 10.57
CA VAL D 42 13.95 -29.43 10.38
C VAL D 42 14.40 -30.49 9.35
N ILE D 43 15.31 -30.15 8.41
CA ILE D 43 15.79 -31.07 7.39
C ILE D 43 17.03 -31.91 7.79
N CYS D 44 17.46 -31.78 9.06
N CYS D 44 17.55 -31.76 9.03
CA CYS D 44 18.60 -32.53 9.59
CA CYS D 44 18.74 -32.53 9.45
C CYS D 44 18.13 -33.79 10.30
C CYS D 44 18.40 -33.62 10.47
N SER D 45 18.96 -34.82 10.27
CA SER D 45 18.73 -36.01 11.09
C SER D 45 19.62 -35.91 12.35
N ALA D 46 19.39 -36.76 13.37
CA ALA D 46 20.20 -36.71 14.60
C ALA D 46 21.71 -36.88 14.34
N SER D 47 22.08 -37.62 13.27
CA SER D 47 23.47 -37.84 12.91
C SER D 47 24.13 -36.59 12.31
N ASP D 48 23.34 -35.80 11.55
CA ASP D 48 23.86 -34.60 10.90
C ASP D 48 23.55 -33.33 11.71
N MET D 49 24.06 -33.25 12.96
CA MET D 49 23.80 -32.09 13.80
C MET D 49 25.03 -31.38 14.34
N THR D 50 26.17 -32.07 14.50
CA THR D 50 27.40 -31.40 14.97
C THR D 50 27.93 -30.45 13.91
N ASN D 51 27.90 -30.87 12.65
CA ASN D 51 28.32 -30.01 11.54
C ASN D 51 27.46 -30.29 10.32
N PRO D 52 26.24 -29.72 10.27
CA PRO D 52 25.35 -30.02 9.14
C PRO D 52 25.67 -29.23 7.88
N ASP D 53 25.65 -29.92 6.73
CA ASP D 53 25.87 -29.24 5.45
C ASP D 53 24.47 -29.00 4.90
N TYR D 54 23.89 -27.85 5.26
CA TYR D 54 22.52 -27.48 4.90
C TYR D 54 22.28 -27.34 3.40
N THR D 55 23.26 -26.86 2.63
CA THR D 55 23.10 -26.74 1.18
C THR D 55 23.02 -28.12 0.53
N ASN D 56 23.84 -29.07 1.03
CA ASN D 56 23.81 -30.46 0.53
C ASN D 56 22.52 -31.16 0.95
N LEU D 57 22.05 -30.89 2.17
CA LEU D 57 20.82 -31.47 2.68
C LEU D 57 19.60 -30.94 1.91
N LEU D 58 19.66 -29.69 1.40
CA LEU D 58 18.58 -29.07 0.62
C LEU D 58 18.42 -29.68 -0.78
N CYS D 59 19.47 -30.33 -1.30
CA CYS D 59 19.46 -31.00 -2.61
C CYS D 59 18.55 -32.22 -2.57
N ARG D 60 18.61 -32.97 -1.46
CA ARG D 60 17.81 -34.17 -1.26
C ARG D 60 16.38 -33.89 -0.77
N VAL D 61 15.97 -32.60 -0.71
CA VAL D 61 14.64 -32.24 -0.23
C VAL D 61 13.70 -31.90 -1.40
N THR D 62 12.48 -32.41 -1.33
CA THR D 62 11.39 -32.13 -2.27
C THR D 62 10.26 -31.46 -1.46
N SER D 63 9.43 -30.64 -2.10
CA SER D 63 8.33 -29.95 -1.42
C SER D 63 7.38 -30.91 -0.73
N SER D 64 7.14 -32.08 -1.37
CA SER D 64 6.28 -33.14 -0.85
C SER D 64 6.81 -33.76 0.46
N ASP D 65 8.11 -33.59 0.77
CA ASP D 65 8.69 -34.12 2.00
C ASP D 65 8.22 -33.33 3.24
N PHE D 66 7.68 -32.11 3.06
CA PHE D 66 7.21 -31.31 4.18
C PHE D 66 5.74 -31.54 4.48
N THR D 67 5.42 -31.75 5.75
CA THR D 67 4.05 -31.88 6.20
C THR D 67 3.81 -30.69 7.11
N VAL D 68 2.95 -29.77 6.71
CA VAL D 68 2.67 -28.56 7.47
C VAL D 68 1.26 -28.66 7.96
N LEU D 69 1.03 -28.59 9.27
CA LEU D 69 -0.31 -28.73 9.82
C LEU D 69 -0.73 -27.52 10.62
N PHE D 70 -1.96 -27.06 10.40
CA PHE D 70 -2.53 -26.02 11.23
C PHE D 70 -3.70 -26.74 11.86
N ASP D 71 -3.54 -27.20 13.11
CA ASP D 71 -4.52 -28.03 13.79
C ASP D 71 -4.67 -29.36 12.97
N ARG D 72 -5.81 -29.60 12.28
CA ARG D 72 -5.93 -30.80 11.43
C ARG D 72 -5.76 -30.51 9.94
N LEU D 73 -5.72 -29.22 9.55
CA LEU D 73 -5.58 -28.81 8.18
C LEU D 73 -4.17 -29.06 7.69
N SER D 74 -4.01 -29.83 6.63
CA SER D 74 -2.71 -30.13 6.06
C SER D 74 -2.46 -29.17 4.90
N LEU D 75 -1.37 -28.41 4.94
CA LEU D 75 -1.03 -27.49 3.86
C LEU D 75 -0.20 -28.17 2.79
N THR D 76 -0.24 -27.63 1.57
CA THR D 76 0.55 -28.17 0.47
C THR D 76 1.70 -27.25 0.14
N VAL D 77 2.93 -27.75 0.28
CA VAL D 77 4.10 -26.95 -0.03
C VAL D 77 4.35 -26.96 -1.54
N MET D 78 4.33 -25.81 -2.18
CA MET D 78 4.61 -25.64 -3.60
C MET D 78 6.12 -25.53 -3.83
N SER D 79 6.80 -24.77 -2.96
CA SER D 79 8.23 -24.52 -3.10
C SER D 79 8.89 -24.17 -1.75
N TYR D 80 10.22 -24.19 -1.69
CA TYR D 80 10.95 -23.86 -0.48
C TYR D 80 12.14 -22.97 -0.82
N GLN D 81 12.61 -22.23 0.17
CA GLN D 81 13.77 -21.36 0.00
C GLN D 81 14.48 -21.28 1.33
N MET D 82 15.81 -21.40 1.35
CA MET D 82 16.57 -21.25 2.58
C MET D 82 17.06 -19.81 2.68
N ARG D 83 16.65 -19.11 3.73
CA ARG D 83 17.03 -17.72 3.99
C ARG D 83 17.77 -17.75 5.35
N GLY D 84 19.10 -17.76 5.29
CA GLY D 84 19.94 -17.88 6.47
C GLY D 84 19.72 -19.21 7.14
N CYS D 85 19.41 -19.21 8.41
CA CYS D 85 19.14 -20.42 9.17
C CYS D 85 17.64 -20.74 9.25
N MET D 86 16.86 -20.23 8.32
CA MET D 86 15.43 -20.40 8.27
C MET D 86 15.00 -20.95 6.91
N LEU D 87 13.94 -21.72 6.90
CA LEU D 87 13.32 -22.19 5.69
C LEU D 87 12.04 -21.37 5.53
N VAL D 88 11.78 -20.95 4.31
CA VAL D 88 10.57 -20.25 3.94
C VAL D 88 9.86 -21.16 2.92
N LEU D 89 8.81 -21.83 3.36
CA LEU D 89 8.06 -22.72 2.50
C LEU D 89 6.90 -21.92 1.92
N THR D 90 6.65 -22.04 0.62
CA THR D 90 5.51 -21.38 0.00
C THR D 90 4.47 -22.47 -0.09
N VAL D 91 3.28 -22.19 0.46
CA VAL D 91 2.15 -23.11 0.46
C VAL D 91 1.03 -22.63 -0.48
N THR D 92 0.15 -23.53 -0.92
CA THR D 92 -0.93 -23.17 -1.84
C THR D 92 -2.02 -22.33 -1.17
N LEU D 93 -2.15 -22.43 0.15
CA LEU D 93 -3.22 -21.73 0.86
C LEU D 93 -2.76 -20.52 1.66
N GLN D 94 -3.41 -19.39 1.43
CA GLN D 94 -3.16 -18.20 2.20
C GLN D 94 -3.82 -18.40 3.57
N ASN D 95 -3.13 -17.96 4.63
CA ASN D 95 -3.68 -18.01 5.97
C ASN D 95 -4.64 -16.83 6.02
N SER D 96 -5.92 -17.15 6.02
CA SER D 96 -7.01 -16.17 6.08
C SER D 96 -7.02 -15.39 7.39
N ARG D 97 -6.34 -15.90 8.43
CA ARG D 97 -6.26 -15.20 9.70
C ARG D 97 -4.88 -14.55 9.90
N THR D 98 -4.19 -14.20 8.78
CA THR D 98 -2.90 -13.53 8.88
C THR D 98 -3.16 -12.12 9.40
N PRO D 99 -2.52 -11.74 10.51
CA PRO D 99 -2.70 -10.37 10.98
C PRO D 99 -1.90 -9.40 10.08
N LYS D 100 -2.08 -8.08 10.27
CA LYS D 100 -1.22 -7.09 9.65
C LYS D 100 0.13 -7.28 10.39
N TYR D 101 1.19 -7.53 9.65
CA TYR D 101 2.46 -7.89 10.28
C TYR D 101 3.64 -7.26 9.63
N THR D 102 4.72 -7.23 10.37
CA THR D 102 6.01 -6.80 9.87
C THR D 102 7.11 -7.61 10.61
N PHE D 103 8.35 -7.50 10.16
CA PHE D 103 9.48 -8.17 10.77
C PHE D 103 10.38 -7.11 11.36
N GLY D 104 11.08 -7.46 12.42
CA GLY D 104 12.02 -6.55 13.06
C GLY D 104 13.16 -7.28 13.74
N VAL D 105 14.19 -6.56 14.10
CA VAL D 105 15.35 -7.14 14.76
C VAL D 105 15.50 -6.42 16.08
N VAL D 106 15.39 -7.15 17.21
CA VAL D 106 15.53 -6.48 18.50
C VAL D 106 16.99 -6.22 18.87
N LYS D 107 17.20 -5.21 19.68
CA LYS D 107 18.52 -4.86 20.17
C LYS D 107 18.61 -5.26 21.64
N PRO D 108 19.82 -5.39 22.21
CA PRO D 108 19.92 -5.69 23.65
C PRO D 108 19.14 -4.68 24.49
N GLY D 109 18.41 -5.20 25.45
CA GLY D 109 17.58 -4.40 26.33
C GLY D 109 16.13 -4.41 25.90
N GLU D 110 15.85 -4.71 24.63
CA GLU D 110 14.48 -4.72 24.13
C GLU D 110 13.74 -5.98 24.52
N THR D 111 12.43 -5.83 24.77
CA THR D 111 11.58 -6.89 25.22
C THR D 111 10.57 -7.32 24.17
N PHE D 112 10.08 -8.53 24.30
CA PHE D 112 9.10 -9.08 23.40
C PHE D 112 8.40 -10.27 24.05
N THR D 113 7.34 -10.75 23.41
CA THR D 113 6.57 -11.86 23.90
C THR D 113 6.89 -13.09 23.11
N VAL D 114 7.14 -14.20 23.78
CA VAL D 114 7.38 -15.46 23.10
C VAL D 114 6.11 -16.29 23.26
N LEU D 115 5.62 -16.85 22.17
CA LEU D 115 4.47 -17.73 22.20
C LEU D 115 5.09 -19.11 22.08
N ALA D 116 5.32 -19.76 23.22
CA ALA D 116 5.90 -21.10 23.24
C ALA D 116 4.94 -22.08 22.59
N ALA D 117 5.44 -22.93 21.71
CA ALA D 117 4.61 -23.89 21.00
C ALA D 117 5.32 -25.22 20.91
N TYR D 118 4.56 -26.32 20.87
CA TYR D 118 5.07 -27.68 20.71
C TYR D 118 4.16 -28.37 19.74
N ASN D 119 4.72 -29.04 18.72
CA ASN D 119 3.94 -29.75 17.72
C ASN D 119 2.89 -28.83 17.06
N GLY D 120 3.25 -27.56 16.85
CA GLY D 120 2.36 -26.57 16.25
C GLY D 120 1.25 -26.08 17.15
N LYS D 121 1.29 -26.41 18.45
CA LYS D 121 0.26 -26.02 19.39
C LYS D 121 0.80 -25.03 20.41
N PRO D 122 0.24 -23.82 20.47
CA PRO D 122 0.69 -22.85 21.46
C PRO D 122 0.42 -23.38 22.88
N GLN D 123 1.40 -23.31 23.78
CA GLN D 123 1.19 -23.73 25.17
C GLN D 123 0.98 -22.52 26.10
N GLY D 124 1.66 -21.44 25.81
CA GLY D 124 1.57 -20.23 26.62
C GLY D 124 2.52 -19.18 26.13
N ALA D 125 2.54 -18.05 26.80
CA ALA D 125 3.36 -16.94 26.41
C ALA D 125 4.16 -16.42 27.58
N PHE D 126 5.32 -15.82 27.31
CA PHE D 126 6.13 -15.23 28.36
C PHE D 126 6.91 -14.05 27.83
N HIS D 127 7.26 -13.15 28.74
CA HIS D 127 8.00 -11.95 28.47
C HIS D 127 9.47 -12.25 28.51
N VAL D 128 10.25 -11.76 27.53
CA VAL D 128 11.69 -11.94 27.55
C VAL D 128 12.36 -10.60 27.24
N THR D 129 13.62 -10.48 27.62
CA THR D 129 14.43 -9.30 27.36
C THR D 129 15.66 -9.79 26.61
N MET D 130 15.98 -9.20 25.47
CA MET D 130 17.19 -9.56 24.72
C MET D 130 18.37 -9.06 25.52
N ARG D 131 19.34 -9.93 25.80
CA ARG D 131 20.47 -9.54 26.62
C ARG D 131 21.59 -9.04 25.71
N SER D 132 22.62 -8.39 26.30
CA SER D 132 23.80 -8.00 25.51
C SER D 132 24.56 -9.22 25.00
N SER D 133 24.34 -10.40 25.63
CA SER D 133 24.91 -11.67 25.16
C SER D 133 24.16 -12.19 23.93
N TYR D 134 23.09 -11.51 23.47
CA TYR D 134 22.24 -11.89 22.35
C TYR D 134 21.54 -13.20 22.57
N THR D 135 21.09 -13.38 23.82
CA THR D 135 20.32 -14.52 24.22
C THR D 135 19.13 -13.96 25.02
N ILE D 136 18.15 -14.81 25.26
CA ILE D 136 17.03 -14.49 26.13
C ILE D 136 16.97 -15.56 27.22
N LYS D 137 16.32 -15.24 28.32
CA LYS D 137 16.15 -16.19 29.41
C LYS D 137 14.74 -16.71 29.25
N GLY D 138 14.57 -17.76 28.47
CA GLY D 138 13.26 -18.32 28.24
C GLY D 138 13.03 -19.62 28.96
N SER D 139 12.02 -20.35 28.50
CA SER D 139 11.72 -21.68 29.01
C SER D 139 11.36 -22.44 27.79
N PHE D 140 12.27 -23.31 27.34
CA PHE D 140 12.07 -24.04 26.11
C PHE D 140 12.55 -25.44 26.27
N LEU D 141 11.70 -26.40 25.94
CA LEU D 141 12.06 -27.81 25.93
C LEU D 141 12.23 -28.23 24.48
N CYS D 142 12.68 -29.47 24.24
CA CYS D 142 12.84 -29.97 22.87
C CYS D 142 11.48 -30.02 22.20
N GLY D 143 11.40 -29.49 21.00
CA GLY D 143 10.14 -29.38 20.27
C GLY D 143 9.63 -27.97 20.18
N SER D 144 10.24 -27.04 20.94
CA SER D 144 9.85 -25.64 20.98
C SER D 144 10.49 -24.81 19.90
N CYS D 145 11.48 -25.34 19.17
CA CYS D 145 12.11 -24.64 18.04
C CYS D 145 11.05 -24.19 17.07
N GLY D 146 11.17 -22.97 16.58
CA GLY D 146 10.17 -22.42 15.70
C GLY D 146 9.14 -21.60 16.42
N SER D 147 9.15 -21.61 17.80
CA SER D 147 8.30 -20.74 18.63
C SER D 147 8.72 -19.28 18.32
N VAL D 148 7.75 -18.37 18.19
CA VAL D 148 8.06 -17.03 17.78
C VAL D 148 7.96 -16.01 18.90
N GLY D 149 8.76 -14.99 18.76
CA GLY D 149 8.80 -13.82 19.61
C GLY D 149 8.24 -12.69 18.77
N TYR D 150 7.43 -11.86 19.40
CA TYR D 150 6.78 -10.77 18.70
C TYR D 150 6.44 -9.64 19.62
N VAL D 151 6.15 -8.48 19.02
CA VAL D 151 5.62 -7.29 19.73
C VAL D 151 4.39 -6.82 18.94
N ILE D 152 3.43 -6.20 19.61
CA ILE D 152 2.23 -5.71 18.95
C ILE D 152 2.12 -4.21 19.07
N MET D 153 1.75 -3.54 17.98
CA MET D 153 1.53 -2.10 18.02
C MET D 153 0.18 -1.90 17.34
N GLY D 154 -0.86 -1.67 18.14
CA GLY D 154 -2.21 -1.54 17.61
C GLY D 154 -2.64 -2.81 16.89
N ASP D 155 -2.96 -2.73 15.60
CA ASP D 155 -3.32 -3.89 14.80
C ASP D 155 -2.15 -4.63 14.19
N CYS D 156 -0.92 -4.16 14.38
CA CYS D 156 0.24 -4.72 13.72
C CYS D 156 1.01 -5.68 14.61
N VAL D 157 1.34 -6.87 14.09
CA VAL D 157 2.20 -7.78 14.81
C VAL D 157 3.59 -7.62 14.22
N LYS D 158 4.60 -7.34 15.02
CA LYS D 158 5.97 -7.31 14.55
C LYS D 158 6.67 -8.56 15.07
N PHE D 159 7.03 -9.47 14.19
CA PHE D 159 7.70 -10.70 14.52
C PHE D 159 9.20 -10.42 14.58
N VAL D 160 9.86 -10.80 15.67
CA VAL D 160 11.28 -10.47 15.82
C VAL D 160 12.17 -11.65 16.12
N TYR D 161 11.61 -12.83 16.46
CA TYR D 161 12.42 -13.93 16.93
C TYR D 161 11.82 -15.28 16.57
N MET D 162 12.66 -16.23 16.23
CA MET D 162 12.24 -17.60 16.00
C MET D 162 13.21 -18.44 16.80
N HIS D 163 12.69 -19.19 17.77
CA HIS D 163 13.53 -19.99 18.65
C HIS D 163 14.28 -21.10 17.92
N GLN D 164 15.57 -21.25 18.22
CA GLN D 164 16.40 -22.28 17.59
C GLN D 164 17.31 -23.05 18.56
N LEU D 165 17.98 -22.35 19.51
CA LEU D 165 19.00 -22.98 20.36
C LEU D 165 18.85 -22.77 21.81
N GLU D 166 19.34 -23.73 22.58
CA GLU D 166 19.53 -23.54 24.01
C GLU D 166 21.04 -23.64 24.11
N LEU D 167 21.70 -22.55 24.50
CA LEU D 167 23.15 -22.52 24.57
C LEU D 167 23.71 -23.08 25.87
N SER D 168 22.95 -22.92 26.95
CA SER D 168 23.29 -23.37 28.28
C SER D 168 22.01 -23.29 29.11
N THR D 169 22.02 -23.82 30.34
CA THR D 169 20.83 -23.80 31.20
C THR D 169 20.12 -22.46 31.27
N GLY D 170 18.88 -22.44 30.83
CA GLY D 170 18.06 -21.24 30.83
C GLY D 170 18.51 -20.13 29.89
N CYS D 171 19.45 -20.41 28.96
CA CYS D 171 19.96 -19.41 27.99
C CYS D 171 19.61 -19.84 26.62
N HIS D 172 18.82 -19.05 25.96
CA HIS D 172 18.31 -19.41 24.64
C HIS D 172 18.58 -18.37 23.58
N THR D 173 18.68 -18.79 22.32
CA THR D 173 18.83 -17.85 21.24
C THR D 173 18.09 -18.38 19.99
N GLY D 174 17.94 -17.51 19.01
CA GLY D 174 17.25 -17.83 17.78
C GLY D 174 17.63 -16.83 16.71
N THR D 175 16.82 -16.80 15.67
CA THR D 175 17.07 -15.93 14.54
C THR D 175 15.99 -14.87 14.42
N ASP D 176 16.27 -13.84 13.66
CA ASP D 176 15.29 -12.84 13.28
C ASP D 176 14.60 -13.42 12.00
N PHE D 177 13.65 -12.67 11.41
CA PHE D 177 12.92 -13.19 10.24
C PHE D 177 13.63 -12.94 8.91
N ASN D 178 14.92 -12.55 8.97
CA ASN D 178 15.82 -12.55 7.81
C ASN D 178 16.63 -13.89 7.84
N GLY D 179 16.46 -14.73 8.88
CA GLY D 179 17.20 -15.98 9.05
C GLY D 179 18.55 -15.80 9.72
N ASP D 180 18.86 -14.61 10.21
CA ASP D 180 20.13 -14.35 10.89
C ASP D 180 19.98 -14.56 12.37
N PHE D 181 20.94 -15.24 12.97
CA PHE D 181 20.93 -15.44 14.40
C PHE D 181 21.18 -14.13 15.11
N TYR D 182 20.66 -13.98 16.33
CA TYR D 182 21.01 -12.87 17.19
C TYR D 182 22.37 -13.29 17.74
N GLY D 183 23.36 -12.43 17.65
CA GLY D 183 24.70 -12.78 18.15
C GLY D 183 25.47 -13.63 17.16
N PRO D 184 26.66 -14.10 17.57
CA PRO D 184 27.48 -14.88 16.63
C PRO D 184 27.15 -16.37 16.67
N TYR D 185 25.98 -16.75 17.19
CA TYR D 185 25.61 -18.14 17.36
C TYR D 185 25.24 -18.80 16.06
N LYS D 186 25.42 -20.11 16.01
CA LYS D 186 25.22 -20.92 14.82
C LYS D 186 24.28 -22.10 15.12
N ASP D 187 23.54 -22.58 14.12
CA ASP D 187 22.64 -23.70 14.32
C ASP D 187 23.36 -25.03 14.18
N ALA D 188 24.20 -25.32 15.17
CA ALA D 188 24.94 -26.57 15.23
C ALA D 188 24.97 -27.08 16.66
N GLN D 189 24.90 -28.39 16.80
CA GLN D 189 24.94 -29.04 18.07
C GLN D 189 26.41 -29.18 18.50
N VAL D 190 27.01 -28.06 18.91
CA VAL D 190 28.38 -27.88 19.40
C VAL D 190 28.29 -26.88 20.56
N VAL D 191 29.18 -26.96 21.56
CA VAL D 191 29.14 -26.02 22.68
C VAL D 191 29.52 -24.62 22.18
N GLN D 192 28.69 -23.64 22.49
CA GLN D 192 28.92 -22.27 22.09
C GLN D 192 28.99 -21.38 23.31
N LEU D 193 30.10 -20.69 23.49
CA LEU D 193 30.28 -19.78 24.63
C LEU D 193 29.45 -18.52 24.41
N LEU D 194 29.01 -17.92 25.50
CA LEU D 194 28.16 -16.74 25.44
C LEU D 194 28.92 -15.46 25.35
N ILE D 195 28.37 -14.51 24.62
CA ILE D 195 28.89 -13.15 24.52
C ILE D 195 28.71 -12.49 25.88
N GLN D 196 29.59 -11.56 26.21
CA GLN D 196 29.55 -10.77 27.44
C GLN D 196 28.19 -10.07 27.62
N ASP D 197 27.59 -10.21 28.79
CA ASP D 197 26.36 -9.54 29.12
C ASP D 197 26.66 -8.32 30.01
N TYR D 198 25.70 -7.41 30.12
CA TYR D 198 25.81 -6.19 30.91
C TYR D 198 24.46 -5.90 31.53
N ILE D 199 24.43 -5.03 32.55
CA ILE D 199 23.17 -4.57 33.10
C ILE D 199 22.61 -3.59 32.06
N GLN D 200 21.38 -3.79 31.63
CA GLN D 200 20.78 -2.93 30.61
C GLN D 200 20.39 -1.67 31.34
N SER D 201 21.23 -0.66 31.23
CA SER D 201 21.11 0.60 31.95
C SER D 201 19.77 1.30 31.78
N VAL D 202 19.29 1.49 30.55
CA VAL D 202 18.04 2.22 30.33
C VAL D 202 16.83 1.46 30.91
N ASN D 203 16.91 0.12 31.00
CA ASN D 203 15.87 -0.69 31.62
C ASN D 203 15.87 -0.51 33.12
N PHE D 204 17.05 -0.38 33.74
CA PHE D 204 17.12 -0.10 35.17
C PHE D 204 16.63 1.33 35.44
N VAL D 205 16.89 2.28 34.53
CA VAL D 205 16.37 3.65 34.64
C VAL D 205 14.82 3.58 34.58
N ALA D 206 14.26 2.73 33.71
CA ALA D 206 12.81 2.54 33.62
C ALA D 206 12.26 2.00 34.94
N TRP D 207 12.97 1.07 35.58
CA TRP D 207 12.64 0.50 36.87
C TRP D 207 12.64 1.60 37.95
N LEU D 208 13.63 2.49 37.92
CA LEU D 208 13.69 3.62 38.85
C LEU D 208 12.54 4.60 38.63
N TYR D 209 12.18 4.90 37.36
CA TYR D 209 11.05 5.79 37.06
C TYR D 209 9.75 5.15 37.58
N ALA D 210 9.58 3.84 37.34
CA ALA D 210 8.42 3.09 37.82
C ALA D 210 8.37 3.10 39.33
N ALA D 211 9.52 2.99 40.00
CA ALA D 211 9.58 3.06 41.45
C ALA D 211 9.14 4.43 41.96
N ILE D 212 9.57 5.54 41.32
CA ILE D 212 9.13 6.88 41.71
C ILE D 212 7.60 6.99 41.67
N LEU D 213 6.97 6.39 40.66
CA LEU D 213 5.52 6.40 40.54
C LEU D 213 4.83 5.29 41.37
N ASN D 214 5.59 4.48 42.07
CA ASN D 214 5.10 3.43 42.98
C ASN D 214 5.55 3.74 44.41
N ASN D 215 5.54 5.03 44.78
CA ASN D 215 5.87 5.55 46.09
C ASN D 215 7.26 5.13 46.60
N CYS D 216 8.28 5.23 45.74
CA CYS D 216 9.64 4.86 46.13
C CYS D 216 10.65 5.78 45.43
N ASN D 217 11.24 6.74 46.17
CA ASN D 217 12.17 7.67 45.53
C ASN D 217 13.39 8.00 46.38
N TRP D 218 13.70 7.18 47.39
CA TRP D 218 14.83 7.43 48.29
C TRP D 218 16.16 7.62 47.57
N PHE D 219 16.30 7.00 46.39
CA PHE D 219 17.53 7.07 45.59
C PHE D 219 17.65 8.40 44.83
N VAL D 220 16.61 9.24 44.80
CA VAL D 220 16.65 10.52 44.11
C VAL D 220 17.36 11.54 44.97
N GLN D 221 18.42 12.13 44.43
CA GLN D 221 19.21 13.17 45.10
C GLN D 221 19.45 14.33 44.11
N SER D 222 20.08 15.41 44.58
CA SER D 222 20.33 16.57 43.75
C SER D 222 21.47 16.38 42.76
N ASP D 223 22.34 15.36 42.94
CA ASP D 223 23.43 15.14 41.99
C ASP D 223 22.95 14.64 40.63
N LYS D 224 23.64 15.04 39.59
CA LYS D 224 23.30 14.69 38.23
C LYS D 224 24.55 14.20 37.51
N CYS D 225 24.36 13.24 36.62
CA CYS D 225 25.44 12.71 35.82
C CYS D 225 24.95 12.70 34.39
N SER D 226 25.68 13.36 33.49
CA SER D 226 25.28 13.42 32.08
C SER D 226 25.34 12.03 31.45
N VAL D 227 24.66 11.85 30.31
CA VAL D 227 24.68 10.60 29.56
C VAL D 227 26.11 10.25 29.17
N GLU D 228 26.86 11.26 28.70
CA GLU D 228 28.24 11.16 28.27
C GLU D 228 29.12 10.67 29.42
N ASP D 229 29.01 11.29 30.60
CA ASP D 229 29.81 10.90 31.76
C ASP D 229 29.42 9.54 32.28
N PHE D 230 28.10 9.20 32.22
CA PHE D 230 27.66 7.88 32.68
C PHE D 230 28.23 6.81 31.79
N ASN D 231 28.21 7.03 30.48
CA ASN D 231 28.68 6.08 29.49
C ASN D 231 30.16 5.76 29.61
N VAL D 232 30.98 6.71 30.09
CA VAL D 232 32.40 6.46 30.33
C VAL D 232 32.51 5.58 31.58
N TRP D 233 31.80 5.93 32.65
CA TRP D 233 31.75 5.17 33.90
C TRP D 233 31.25 3.71 33.66
N ALA D 234 30.16 3.55 32.89
CA ALA D 234 29.53 2.26 32.55
C ALA D 234 30.51 1.25 31.98
N LEU D 235 31.48 1.71 31.15
CA LEU D 235 32.51 0.85 30.53
C LEU D 235 33.22 -0.04 31.53
N SER D 236 33.53 0.51 32.70
CA SER D 236 34.26 -0.23 33.72
C SER D 236 33.41 -0.72 34.89
N ASN D 237 32.06 -0.53 34.83
CA ASN D 237 31.22 -0.93 35.93
C ASN D 237 30.11 -1.94 35.58
N GLY D 238 30.22 -2.63 34.45
CA GLY D 238 29.27 -3.67 34.07
C GLY D 238 27.90 -3.20 33.62
N PHE D 239 27.82 -1.96 33.17
CA PHE D 239 26.56 -1.37 32.71
C PHE D 239 26.64 -1.12 31.22
N SER D 240 25.49 -1.17 30.55
CA SER D 240 25.46 -0.89 29.12
C SER D 240 25.41 0.62 28.85
N GLN D 241 25.76 1.04 27.62
CA GLN D 241 25.69 2.42 27.21
C GLN D 241 24.24 2.91 27.23
N VAL D 242 24.02 4.12 27.71
CA VAL D 242 22.71 4.76 27.80
C VAL D 242 22.52 5.69 26.61
N LYS D 243 21.32 5.70 26.09
CA LYS D 243 20.89 6.59 25.01
C LYS D 243 19.49 7.04 25.46
N SER D 244 19.27 8.36 25.54
CA SER D 244 17.95 8.86 25.94
C SER D 244 16.91 8.57 24.85
N ASP D 245 15.63 8.62 25.23
CA ASP D 245 14.54 8.27 24.33
C ASP D 245 13.33 9.14 24.61
N LEU D 246 12.36 9.17 23.67
CA LEU D 246 11.13 9.92 23.89
C LEU D 246 10.33 9.36 25.06
N VAL D 247 10.43 8.04 25.33
CA VAL D 247 9.76 7.43 26.47
C VAL D 247 10.41 7.81 27.79
N ILE D 248 11.76 7.86 27.82
CA ILE D 248 12.51 8.33 28.98
C ILE D 248 12.12 9.82 29.24
N ASP D 249 11.93 10.62 28.16
CA ASP D 249 11.52 12.00 28.30
C ASP D 249 10.10 12.10 28.85
N ALA D 250 9.20 11.19 28.44
CA ALA D 250 7.83 11.17 28.97
C ALA D 250 7.85 10.80 30.44
N LEU D 251 8.65 9.79 30.82
CA LEU D 251 8.80 9.38 32.22
C LEU D 251 9.40 10.49 33.08
N ALA D 252 10.35 11.26 32.52
CA ALA D 252 10.96 12.40 33.19
C ALA D 252 9.93 13.49 33.41
N SER D 253 9.05 13.72 32.45
CA SER D 253 8.01 14.73 32.57
C SER D 253 6.95 14.31 33.58
N MET D 254 6.59 13.01 33.65
CA MET D 254 5.59 12.49 34.59
C MET D 254 6.07 12.55 36.03
N THR D 255 7.35 12.29 36.26
CA THR D 255 7.91 12.29 37.61
C THR D 255 8.56 13.61 38.01
N GLY D 256 8.91 14.44 37.03
CA GLY D 256 9.68 15.65 37.29
C GLY D 256 11.13 15.34 37.59
N VAL D 257 11.60 14.10 37.29
CA VAL D 257 12.98 13.67 37.59
C VAL D 257 13.72 13.44 36.30
N SER D 258 14.84 14.14 36.09
CA SER D 258 15.60 14.01 34.85
C SER D 258 16.37 12.69 34.77
N LEU D 259 16.73 12.29 33.55
CA LEU D 259 17.51 11.08 33.31
C LEU D 259 18.85 11.18 34.04
N GLU D 260 19.48 12.36 34.00
CA GLU D 260 20.77 12.65 34.64
C GLU D 260 20.71 12.42 36.15
N THR D 261 19.57 12.70 36.77
CA THR D 261 19.39 12.48 38.21
C THR D 261 19.43 10.98 38.48
N LEU D 262 18.77 10.17 37.61
CA LEU D 262 18.78 8.71 37.78
C LEU D 262 20.10 8.07 37.41
N LEU D 263 20.84 8.67 36.47
CA LEU D 263 22.17 8.15 36.11
C LEU D 263 23.12 8.33 37.29
N ALA D 264 23.01 9.47 38.02
CA ALA D 264 23.81 9.70 39.21
C ALA D 264 23.39 8.70 40.31
N ALA D 265 22.09 8.41 40.41
CA ALA D 265 21.56 7.44 41.36
C ALA D 265 22.09 6.04 41.11
N ILE D 266 22.21 5.63 39.82
CA ILE D 266 22.74 4.31 39.47
C ILE D 266 24.17 4.14 39.97
N LYS D 267 25.01 5.16 39.77
CA LYS D 267 26.39 5.11 40.23
C LYS D 267 26.50 4.93 41.74
N ARG D 268 25.62 5.55 42.51
CA ARG D 268 25.63 5.39 43.96
CA ARG D 268 25.64 5.38 43.95
C ARG D 268 25.12 3.99 44.32
N LEU D 269 24.06 3.51 43.62
CA LEU D 269 23.49 2.18 43.84
C LEU D 269 24.47 1.07 43.53
N LYS D 270 25.40 1.29 42.58
CA LYS D 270 26.42 0.31 42.23
C LYS D 270 27.27 -0.09 43.44
N ASN D 271 27.57 0.87 44.35
CA ASN D 271 28.34 0.50 45.55
C ASN D 271 27.45 0.13 46.75
N GLY D 272 26.22 -0.31 46.49
CA GLY D 272 25.31 -0.79 47.53
C GLY D 272 24.02 -0.03 47.70
N PHE D 273 22.93 -0.77 47.93
CA PHE D 273 21.62 -0.18 48.20
C PHE D 273 21.43 0.11 49.72
N GLN D 274 22.36 -0.41 50.58
CA GLN D 274 22.34 -0.27 52.04
C GLN D 274 21.09 -0.95 52.63
N GLY D 275 20.77 -2.11 52.10
CA GLY D 275 19.62 -2.90 52.53
C GLY D 275 18.26 -2.33 52.15
N ARG D 276 18.22 -1.22 51.41
CA ARG D 276 16.96 -0.61 51.01
C ARG D 276 16.51 -1.15 49.69
N GLN D 277 15.21 -1.42 49.57
CA GLN D 277 14.65 -1.98 48.37
C GLN D 277 14.02 -0.94 47.48
N ILE D 278 13.96 -1.25 46.20
CA ILE D 278 13.28 -0.45 45.20
C ILE D 278 12.29 -1.42 44.66
N MET D 279 11.00 -1.25 45.03
CA MET D 279 9.91 -2.14 44.63
C MET D 279 10.21 -3.62 44.93
N GLY D 280 10.63 -3.88 46.16
CA GLY D 280 10.90 -5.23 46.62
C GLY D 280 12.20 -5.85 46.14
N SER D 281 13.10 -5.03 45.60
CA SER D 281 14.35 -5.55 45.08
C SER D 281 15.54 -4.71 45.41
N CYS D 282 16.65 -5.37 45.71
CA CYS D 282 17.94 -4.72 45.92
C CYS D 282 18.89 -5.01 44.73
N SER D 283 18.34 -5.46 43.59
CA SER D 283 19.09 -5.81 42.40
C SER D 283 18.86 -4.79 41.30
N PHE D 284 19.70 -4.86 40.26
CA PHE D 284 19.57 -4.01 39.11
C PHE D 284 18.55 -4.67 38.18
N GLU D 285 17.27 -4.45 38.47
CA GLU D 285 16.16 -4.99 37.69
C GLU D 285 16.17 -4.33 36.35
N ASP D 286 16.70 -5.02 35.34
CA ASP D 286 16.88 -4.45 34.03
C ASP D 286 16.11 -5.22 32.94
N GLU D 287 14.99 -5.86 33.29
CA GLU D 287 14.24 -6.65 32.32
C GLU D 287 13.08 -5.91 31.66
N LEU D 288 12.70 -4.74 32.17
CA LEU D 288 11.61 -3.97 31.58
C LEU D 288 12.14 -2.70 30.96
N THR D 289 11.71 -2.40 29.76
CA THR D 289 12.16 -1.20 29.05
C THR D 289 11.42 0.02 29.55
N PRO D 290 11.85 1.21 29.11
CA PRO D 290 11.06 2.41 29.42
C PRO D 290 9.60 2.31 28.94
N SER D 291 9.38 1.72 27.75
CA SER D 291 8.04 1.57 27.19
C SER D 291 7.21 0.59 27.98
N ASP D 292 7.82 -0.49 28.47
CA ASP D 292 7.12 -1.48 29.27
C ASP D 292 6.57 -0.85 30.55
N VAL D 293 7.42 -0.11 31.28
CA VAL D 293 6.96 0.49 32.52
C VAL D 293 5.99 1.62 32.23
N TYR D 294 6.18 2.38 31.14
CA TYR D 294 5.29 3.46 30.74
C TYR D 294 3.87 2.94 30.52
N GLN D 295 3.73 1.81 29.83
CA GLN D 295 2.42 1.20 29.59
C GLN D 295 1.69 0.87 30.93
N GLN D 296 2.42 0.71 32.03
CA GLN D 296 1.85 0.38 33.33
C GLN D 296 1.85 1.54 34.33
N LEU D 297 2.17 2.75 33.90
CA LEU D 297 2.18 3.92 34.76
C LEU D 297 1.21 4.95 34.22
N ALA D 298 1.23 5.15 32.89
CA ALA D 298 0.39 6.08 32.17
C ALA D 298 -0.86 5.31 31.72
C1 A1AUY E . 9.04 13.66 -13.17
C2 A1AUY E . 8.80 12.34 -13.70
C3 A1AUY E . 10.87 11.69 -12.96
C11 A1AUY E . 12.11 8.53 -11.84
C12 A1AUY E . 7.55 12.00 -14.41
C13 A1AUY E . 6.37 10.53 -15.69
C14 A1AUY E . 5.30 11.39 -15.71
C15 A1AUY E . 5.44 12.57 -15.03
F1 A1AUY E . 13.23 5.51 -13.66
C9 A1AUY E . 13.30 6.81 -13.20
F A1AUY E . 14.47 6.85 -12.49
C8 A1AUY E . 13.39 7.74 -14.37
C7 A1AUY E . 13.34 9.20 -13.92
C10 A1AUY E . 12.14 7.06 -12.28
C6 A1AUY E . 12.09 9.46 -13.06
C4 A1AUY E . 11.95 10.91 -12.69
N2 A1AUY E . 11.08 12.91 -12.39
N1 A1AUY E . 12.31 12.96 -11.77
C5 A1AUY E . 12.80 11.74 -11.96
C A1AUY E . 10.17 13.92 -12.49
N A1AUY E . 9.72 11.40 -13.62
N4 A1AUY E . 6.55 12.90 -14.37
N3 A1AUY E . 7.51 10.81 -15.05
H1 A1AUY E . 8.53 14.48 -13.69
H11 A1AUY E . 12.95 8.76 -11.21
H10 A1AUY E . 11.23 8.71 -11.22
H12 A1AUY E . 6.35 9.57 -16.20
H13 A1AUY E . 4.36 11.14 -16.23
H14 A1AUY E . 4.64 13.31 -14.97
H6 A1AUY E . 14.29 7.57 -14.95
H7 A1AUY E . 12.57 7.54 -15.07
H4 A1AUY E . 14.24 9.45 -13.37
H5 A1AUY E . 13.33 9.86 -14.78
H8 A1AUY E . 12.19 6.42 -11.40
H9 A1AUY E . 11.20 6.80 -12.75
H3 A1AUY E . 11.22 9.21 -13.66
H2 A1AUY E . 13.81 11.50 -11.60
C1 A1AUY F . 4.23 -28.06 -14.88
C2 A1AUY F . 4.18 -26.77 -14.22
C3 A1AUY F . 6.47 -26.62 -14.36
C11 A1AUY F . 8.69 -23.83 -14.65
C12 A1AUY F . 2.91 -26.18 -13.78
C13 A1AUY F . 1.80 -24.46 -12.74
C14 A1AUY F . 0.60 -25.07 -12.99
C15 A1AUY F . 0.64 -26.27 -13.67
F1 A1AUY F . 9.80 -21.34 -12.17
C9 A1AUY F . 9.75 -22.56 -12.78
F A1AUY F . 11.05 -22.82 -13.14
C8 A1AUY F . 9.30 -23.59 -11.78
C7 A1AUY F . 9.09 -24.96 -12.46
C10 A1AUY F . 8.92 -22.46 -14.02
C6 A1AUY F . 8.12 -24.82 -13.63
C4 A1AUY F . 7.74 -26.12 -14.24
N2 A1AUY F . 6.55 -27.81 -15.03
N1 A1AUY F . 7.86 -28.11 -15.36
C5 A1AUY F . 8.55 -27.10 -14.87
C A1AUY F . 5.42 -28.55 -15.30
N A1AUY F . 5.29 -26.10 -13.95
N4 A1AUY F . 1.78 -26.84 -14.08
N3 A1AUY F . 2.97 -24.98 -13.13
H1 A1AUY F . 3.45 -28.76 -14.61
H11 A1AUY F . 9.62 -24.23 -15.06
H10 A1AUY F . 8.02 -23.74 -15.51
H12 A1AUY F . 1.87 -23.49 -12.25
H13 A1AUY F . -0.35 -24.61 -12.69
H14 A1AUY F . -0.26 -26.83 -13.91
H6 A1AUY F . 10.02 -23.71 -10.97
H7 A1AUY F . 8.39 -23.26 -11.30
H4 A1AUY F . 10.03 -25.38 -12.79
H5 A1AUY F . 8.69 -25.68 -11.73
H8 A1AUY F . 9.38 -21.81 -14.75
H9 A1AUY F . 7.96 -21.99 -13.78
H3 A1AUY F . 7.19 -24.39 -13.25
H2 A1AUY F . 9.64 -27.11 -14.88
C1 A1AUY G . -24.34 13.37 19.11
C2 A1AUY G . -25.17 14.30 18.38
C3 A1AUY G . -24.86 15.86 20.03
C11 A1AUY G . -24.80 19.43 20.01
C12 A1AUY G . -25.82 13.94 17.11
C13 A1AUY G . -27.35 14.40 15.49
C14 A1AUY G . -27.02 13.25 14.81
C15 A1AUY G . -26.03 12.48 15.38
F1 A1AUY G . -27.49 21.95 19.94
C9 A1AUY G . -26.70 20.97 20.48
F A1AUY G . -26.15 21.55 21.60
C8 A1AUY G . -27.58 19.82 20.91
C7 A1AUY G . -26.74 18.65 21.40
C10 A1AUY G . -25.62 20.62 19.52
C6 A1AUY G . -25.70 18.24 20.35
C4 A1AUY G . -24.92 17.02 20.74
N2 A1AUY G . -24.02 15.01 20.72
N1 A1AUY G . -23.52 15.61 21.85
C5 A1AUY G . -24.08 16.81 21.85
C A1AUY G . -23.74 13.76 20.25
N A1AUY G . -25.44 15.51 18.87
N4 A1AUY G . -25.42 12.80 16.53
N3 A1AUY G . -26.76 14.78 16.63
H1 A1AUY G . -24.51 12.31 18.95
H11 A1AUY G . -24.22 19.72 20.89
H10 A1AUY G . -24.07 19.15 19.26
H12 A1AUY G . -28.13 15.08 15.14
H13 A1AUY G . -27.51 12.97 13.89
H14 A1AUY G . -25.69 11.54 14.93
H6 A1AUY G . -28.28 20.12 21.68
H7 A1AUY G . -28.21 19.51 20.07
H4 A1AUY G . -26.24 18.92 22.33
H5 A1AUY G . -27.37 17.80 21.64
H8 A1AUY G . -24.96 21.47 19.33
H9 A1AUY G . -26.05 20.40 18.54
H3 A1AUY G . -26.24 17.98 19.44
H2 A1AUY G . -23.94 17.48 22.69
C1 A1AUY H . 16.52 -30.35 22.44
C2 A1AUY H . 17.74 -29.59 22.32
C3 A1AUY H . 17.56 -29.67 20.04
C11 A1AUY H . 18.65 -27.47 17.42
C12 A1AUY H . 18.49 -29.14 23.50
C13 A1AUY H . 20.37 -28.20 24.39
C14 A1AUY H . 19.85 -28.28 25.66
C15 A1AUY H . 18.60 -28.83 25.76
F1 A1AUY H . 21.97 -26.95 15.87
C9 A1AUY H . 20.80 -27.62 16.14
F A1AUY H . 20.23 -27.84 14.91
C8 A1AUY H . 21.13 -28.95 16.78
C7 A1AUY H . 19.86 -29.68 17.22
C10 A1AUY H . 19.92 -26.74 16.95
C6 A1AUY H . 19.02 -28.78 18.15
C4 A1AUY H . 17.83 -29.48 18.71
N2 A1AUY H . 16.38 -30.37 20.12
N1 A1AUY H . 15.86 -30.62 18.88
C5 A1AUY H . 16.74 -30.09 18.05
C A1AUY H . 15.84 -30.71 21.33
N A1AUY H . 18.24 -29.27 21.13
N4 A1AUY H . 17.89 -29.27 24.70
N3 A1AUY H . 19.71 -28.60 23.29
H1 A1AUY H . 16.39 -30.94 23.34
H11 A1AUY H . 18.01 -27.70 16.57
H10 A1AUY H . 18.05 -26.84 18.07
H12 A1AUY H . 21.37 -27.79 24.20
H13 A1AUY H . 20.41 -27.96 26.54
H14 A1AUY H . 18.10 -28.97 26.72
H6 A1AUY H . 21.68 -29.59 16.09
H7 A1AUY H . 21.80 -28.82 17.62
H4 A1AUY H . 19.27 -29.97 16.35
H5 A1AUY H . 20.11 -30.60 17.73
H8 A1AUY H . 19.63 -25.84 16.41
H9 A1AUY H . 20.46 -26.37 17.82
H3 A1AUY H . 19.65 -28.51 18.99
H2 A1AUY H . 16.62 -30.20 16.97
#